data_4YQM
#
_entry.id   4YQM
#
_cell.length_a   182.838
_cell.length_b   71.247
_cell.length_c   61.852
_cell.angle_alpha   90.00
_cell.angle_beta   104.08
_cell.angle_gamma   90.00
#
_symmetry.space_group_name_H-M   'C 1 2 1'
#
loop_
_entity.id
_entity.type
_entity.pdbx_description
1 polymer 'Glutathione S-transferase omega-1'
2 non-polymer 2-chloro-N-[4-chloro-3-(dimethylsulfamoyl)phenyl]acetamide
3 non-polymer '2-(N-MORPHOLINO)-ETHANESULFONIC ACID'
4 water water
#
_entity_poly.entity_id   1
_entity_poly.type   'polypeptide(L)'
_entity_poly.pdbx_seq_one_letter_code
;SNAMSGESARSLGKGSAPPGPVPEGSIRIYSMRFCPFAERTRLVLKAKGIRHEVININLKNKPEWFFKKNPFGLVPVLEN
SQGQLIYESAITCEYLDEAYPGKKLLPDDPYEKACQKMILELFSKVPSLVGSFIRSQNKEDYAGLKEEFRKEFTKLEEVL
TNKKTTFFGGNSISMIDYLIWPWFERLEAMKLNECVDHTPKLKLWMAAMKEDPTVSALLTSEKDWQGFLELYLQNSPEAC
DYGL
;
_entity_poly.pdbx_strand_id   A,B,C
#
loop_
_chem_comp.id
_chem_comp.type
_chem_comp.name
_chem_comp.formula
4G9 non-polymer 2-chloro-N-[4-chloro-3-(dimethylsulfamoyl)phenyl]acetamide 'C10 H12 Cl2 N2 O3 S'
MES non-polymer '2-(N-MORPHOLINO)-ETHANESULFONIC ACID' 'C6 H13 N O4 S'
#
# COMPACT_ATOMS: atom_id res chain seq x y z
N SER A 8 -1.10 -18.54 35.29
CA SER A 8 -2.40 -17.92 35.59
C SER A 8 -3.53 -18.60 34.80
N ALA A 9 -3.26 -18.99 33.54
CA ALA A 9 -4.19 -19.71 32.65
C ALA A 9 -4.29 -21.20 33.06
N ARG A 10 -3.48 -21.60 34.08
CA ARG A 10 -3.42 -22.94 34.68
C ARG A 10 -4.79 -23.33 35.22
N SER A 11 -5.20 -24.59 34.97
CA SER A 11 -6.49 -25.15 35.37
C SER A 11 -6.61 -25.32 36.88
N LEU A 12 -7.83 -25.08 37.41
CA LEU A 12 -8.16 -25.21 38.83
C LEU A 12 -8.75 -26.58 39.10
N GLY A 13 -8.21 -27.29 40.09
CA GLY A 13 -8.64 -28.63 40.47
C GLY A 13 -9.04 -28.82 41.91
N LYS A 14 -8.94 -30.06 42.44
CA LYS A 14 -9.27 -30.37 43.83
C LYS A 14 -8.32 -29.64 44.76
N GLY A 15 -8.87 -29.03 45.81
CA GLY A 15 -8.11 -28.27 46.79
C GLY A 15 -8.09 -26.78 46.51
N SER A 16 -8.53 -26.36 45.32
CA SER A 16 -8.59 -24.95 44.95
C SER A 16 -9.82 -24.27 45.56
N ALA A 17 -9.71 -22.97 45.80
CA ALA A 17 -10.76 -22.16 46.40
C ALA A 17 -11.77 -21.63 45.35
N PRO A 18 -13.06 -21.44 45.77
CA PRO A 18 -14.06 -20.84 44.86
C PRO A 18 -13.61 -19.48 44.32
N PRO A 19 -13.90 -19.14 43.04
CA PRO A 19 -13.41 -17.89 42.45
C PRO A 19 -13.88 -16.58 43.08
N GLY A 20 -15.07 -16.58 43.68
CA GLY A 20 -15.62 -15.36 44.26
C GLY A 20 -16.46 -14.60 43.23
N PRO A 21 -17.04 -13.43 43.59
CA PRO A 21 -17.93 -12.74 42.64
C PRO A 21 -17.28 -12.27 41.34
N VAL A 22 -18.08 -12.25 40.25
CA VAL A 22 -17.69 -11.75 38.93
C VAL A 22 -17.88 -10.22 38.97
N PRO A 23 -16.87 -9.40 38.61
CA PRO A 23 -17.05 -7.94 38.68
C PRO A 23 -17.99 -7.39 37.60
N GLU A 24 -18.50 -6.18 37.85
CA GLU A 24 -19.40 -5.45 36.95
C GLU A 24 -18.70 -5.08 35.65
N GLY A 25 -19.40 -5.25 34.53
CA GLY A 25 -18.87 -4.95 33.20
C GLY A 25 -18.16 -6.12 32.55
N SER A 26 -18.08 -7.27 33.25
CA SER A 26 -17.44 -8.46 32.69
C SER A 26 -18.22 -9.73 33.00
N ILE A 27 -18.12 -10.71 32.09
CA ILE A 27 -18.72 -12.03 32.23
C ILE A 27 -17.58 -13.05 32.41
N ARG A 28 -17.83 -14.14 33.14
CA ARG A 28 -16.83 -15.17 33.37
C ARG A 28 -17.20 -16.44 32.60
N ILE A 29 -16.18 -17.08 32.00
CA ILE A 29 -16.34 -18.36 31.34
C ILE A 29 -15.46 -19.38 32.08
N TYR A 30 -16.06 -20.49 32.50
CA TYR A 30 -15.38 -21.64 33.06
C TYR A 30 -15.11 -22.50 31.85
N SER A 31 -13.84 -22.60 31.46
CA SER A 31 -13.47 -23.28 30.22
C SER A 31 -12.36 -24.32 30.47
N MET A 32 -11.83 -24.89 29.38
CA MET A 32 -10.71 -25.81 29.30
C MET A 32 -10.16 -25.62 27.89
N ARG A 33 -8.93 -25.14 27.78
CA ARG A 33 -8.24 -24.72 26.56
C ARG A 33 -8.28 -25.74 25.40
N PHE A 34 -8.57 -27.01 25.68
CA PHE A 34 -8.59 -28.04 24.63
C PHE A 34 -9.98 -28.60 24.42
N CYS A 35 -10.96 -28.07 25.14
CA CYS A 35 -12.33 -28.51 25.02
C CYS A 35 -13.00 -27.88 23.76
N PRO A 36 -13.41 -28.72 22.76
CA PRO A 36 -14.06 -28.18 21.56
C PRO A 36 -15.44 -27.56 21.83
N PHE A 37 -16.18 -28.09 22.83
CA PHE A 37 -17.50 -27.55 23.22
C PHE A 37 -17.34 -26.14 23.84
N ALA A 38 -16.35 -25.95 24.72
CA ALA A 38 -16.09 -24.65 25.33
C ALA A 38 -15.50 -23.65 24.31
N GLU A 39 -14.84 -24.17 23.25
CA GLU A 39 -14.24 -23.38 22.18
C GLU A 39 -15.32 -22.58 21.43
N ARG A 40 -16.55 -23.15 21.30
CA ARG A 40 -17.72 -22.48 20.71
C ARG A 40 -17.98 -21.13 21.41
N THR A 41 -18.05 -21.15 22.76
CA THR A 41 -18.33 -19.99 23.62
C THR A 41 -17.24 -18.93 23.48
N ARG A 42 -15.98 -19.39 23.45
CA ARG A 42 -14.81 -18.53 23.32
C ARG A 42 -14.78 -17.88 21.93
N LEU A 43 -15.22 -18.62 20.90
CA LEU A 43 -15.30 -18.10 19.53
C LEU A 43 -16.35 -16.99 19.43
N VAL A 44 -17.44 -17.13 20.19
CA VAL A 44 -18.52 -16.13 20.23
C VAL A 44 -18.05 -14.91 21.02
N LEU A 45 -17.47 -15.12 22.24
CA LEU A 45 -16.94 -14.04 23.09
C LEU A 45 -15.96 -13.13 22.32
N LYS A 46 -15.04 -13.75 21.55
CA LYS A 46 -14.05 -13.08 20.71
C LYS A 46 -14.75 -12.33 19.57
N ALA A 47 -15.57 -13.04 18.76
CA ALA A 47 -16.29 -12.49 17.61
C ALA A 47 -17.12 -11.27 17.98
N LYS A 48 -17.82 -11.30 19.13
CA LYS A 48 -18.67 -10.18 19.60
C LYS A 48 -17.88 -9.16 20.44
N GLY A 49 -16.57 -9.39 20.61
CA GLY A 49 -15.67 -8.54 21.39
C GLY A 49 -16.09 -8.31 22.83
N ILE A 50 -16.66 -9.34 23.49
CA ILE A 50 -17.16 -9.26 24.88
C ILE A 50 -16.00 -9.30 25.88
N ARG A 51 -16.00 -8.34 26.83
CA ARG A 51 -15.03 -8.28 27.93
C ARG A 51 -15.31 -9.48 28.86
N HIS A 52 -14.31 -10.33 29.08
CA HIS A 52 -14.53 -11.51 29.91
C HIS A 52 -13.28 -11.97 30.64
N GLU A 53 -13.47 -12.83 31.64
CA GLU A 53 -12.39 -13.48 32.38
C GLU A 53 -12.55 -14.99 32.21
N VAL A 54 -11.43 -15.68 31.95
CA VAL A 54 -11.37 -17.12 31.75
C VAL A 54 -10.84 -17.79 33.01
N ILE A 55 -11.46 -18.92 33.39
CA ILE A 55 -11.04 -19.77 34.48
C ILE A 55 -11.08 -21.17 33.93
N ASN A 56 -9.91 -21.78 33.81
CA ASN A 56 -9.79 -23.11 33.26
C ASN A 56 -10.01 -24.15 34.35
N ILE A 57 -10.78 -25.22 34.01
CA ILE A 57 -11.11 -26.30 34.92
C ILE A 57 -10.35 -27.57 34.53
N ASN A 58 -9.70 -28.21 35.52
CA ASN A 58 -9.00 -29.47 35.34
C ASN A 58 -10.07 -30.53 35.34
N LEU A 59 -10.46 -30.99 34.14
CA LEU A 59 -11.55 -31.94 33.96
C LEU A 59 -11.23 -33.37 34.44
N LYS A 60 -9.95 -33.71 34.67
CA LYS A 60 -9.56 -35.03 35.18
C LYS A 60 -9.46 -35.03 36.71
N ASN A 61 -9.53 -33.84 37.34
CA ASN A 61 -9.42 -33.64 38.79
C ASN A 61 -10.20 -32.35 39.15
N LYS A 62 -11.53 -32.40 38.97
CA LYS A 62 -12.45 -31.28 39.12
C LYS A 62 -12.57 -30.74 40.56
N PRO A 63 -12.67 -29.40 40.73
CA PRO A 63 -12.89 -28.84 42.08
C PRO A 63 -14.31 -29.13 42.56
N GLU A 64 -14.47 -29.25 43.87
CA GLU A 64 -15.73 -29.51 44.56
C GLU A 64 -16.76 -28.42 44.26
N TRP A 65 -16.33 -27.15 44.26
CA TRP A 65 -17.18 -25.97 44.02
C TRP A 65 -17.67 -25.86 42.56
N PHE A 66 -17.07 -26.63 41.61
CA PHE A 66 -17.47 -26.55 40.20
C PHE A 66 -18.85 -27.16 39.95
N PHE A 67 -19.32 -28.08 40.81
CA PHE A 67 -20.65 -28.68 40.65
C PHE A 67 -21.77 -27.71 41.08
N LYS A 68 -21.41 -26.60 41.77
CA LYS A 68 -22.35 -25.54 42.16
C LYS A 68 -22.62 -24.65 40.94
N LYS A 69 -21.62 -24.54 40.04
CA LYS A 69 -21.68 -23.75 38.81
C LYS A 69 -22.51 -24.46 37.73
N ASN A 70 -22.43 -25.82 37.70
CA ASN A 70 -23.13 -26.69 36.76
C ASN A 70 -23.31 -28.08 37.40
N PRO A 71 -24.58 -28.54 37.59
CA PRO A 71 -24.78 -29.89 38.16
C PRO A 71 -24.18 -31.01 37.30
N PHE A 72 -24.08 -30.80 35.98
CA PHE A 72 -23.47 -31.75 35.04
C PHE A 72 -21.92 -31.79 35.16
N GLY A 73 -21.34 -30.77 35.80
CA GLY A 73 -19.90 -30.65 36.02
C GLY A 73 -19.08 -30.51 34.76
N LEU A 74 -19.65 -29.86 33.72
CA LEU A 74 -18.97 -29.71 32.45
C LEU A 74 -18.72 -28.25 32.06
N VAL A 75 -17.65 -28.04 31.28
CA VAL A 75 -17.31 -26.75 30.67
C VAL A 75 -17.98 -26.77 29.29
N PRO A 76 -18.43 -25.65 28.71
CA PRO A 76 -18.37 -24.26 29.23
C PRO A 76 -19.52 -23.90 30.16
N VAL A 77 -19.25 -22.97 31.08
CA VAL A 77 -20.22 -22.36 31.99
C VAL A 77 -20.00 -20.85 31.96
N LEU A 78 -21.08 -20.05 31.86
CA LEU A 78 -20.99 -18.60 31.98
C LEU A 78 -21.52 -18.17 33.33
N GLU A 79 -20.91 -17.13 33.93
CA GLU A 79 -21.34 -16.51 35.18
C GLU A 79 -21.18 -15.01 35.04
N ASN A 80 -22.27 -14.27 35.27
CA ASN A 80 -22.25 -12.81 35.17
C ASN A 80 -22.17 -12.16 36.57
N SER A 81 -22.15 -10.80 36.62
CA SER A 81 -22.05 -10.02 37.85
C SER A 81 -23.26 -10.21 38.80
N GLN A 82 -24.46 -10.54 38.27
CA GLN A 82 -25.62 -10.75 39.14
C GLN A 82 -25.74 -12.24 39.60
N GLY A 83 -24.67 -13.00 39.34
CA GLY A 83 -24.52 -14.40 39.76
C GLY A 83 -25.27 -15.44 38.96
N GLN A 84 -25.90 -15.05 37.82
CA GLN A 84 -26.65 -15.95 36.95
C GLN A 84 -25.71 -16.92 36.24
N LEU A 85 -26.07 -18.20 36.23
CA LEU A 85 -25.24 -19.25 35.64
C LEU A 85 -25.91 -19.88 34.42
N ILE A 86 -25.16 -19.94 33.29
CA ILE A 86 -25.63 -20.47 32.02
C ILE A 86 -24.66 -21.57 31.53
N TYR A 87 -25.19 -22.78 31.31
CA TYR A 87 -24.38 -23.89 30.83
C TYR A 87 -25.04 -24.51 29.58
N GLU A 88 -24.32 -25.42 28.90
CA GLU A 88 -24.58 -26.06 27.61
C GLU A 88 -23.99 -25.14 26.58
N SER A 89 -22.96 -25.60 25.85
CA SER A 89 -22.23 -24.78 24.87
C SER A 89 -23.15 -23.98 23.92
N ALA A 90 -24.16 -24.64 23.30
CA ALA A 90 -25.10 -23.97 22.37
C ALA A 90 -25.95 -22.93 23.09
N ILE A 91 -26.34 -23.19 24.36
CA ILE A 91 -27.14 -22.24 25.15
C ILE A 91 -26.28 -21.01 25.49
N THR A 92 -25.02 -21.21 25.94
CA THR A 92 -24.11 -20.11 26.28
C THR A 92 -23.90 -19.17 25.08
N CYS A 93 -23.78 -19.74 23.88
CA CYS A 93 -23.58 -19.04 22.62
C CYS A 93 -24.80 -18.20 22.24
N GLU A 94 -26.02 -18.78 22.34
CA GLU A 94 -27.26 -18.05 22.05
C GLU A 94 -27.41 -16.91 23.06
N TYR A 95 -27.18 -17.20 24.36
CA TYR A 95 -27.25 -16.19 25.42
C TYR A 95 -26.35 -15.01 25.09
N LEU A 96 -25.07 -15.26 24.75
CA LEU A 96 -24.09 -14.19 24.42
C LEU A 96 -24.53 -13.32 23.25
N ASP A 97 -25.18 -13.93 22.24
CA ASP A 97 -25.64 -13.19 21.07
C ASP A 97 -26.81 -12.25 21.41
N GLU A 98 -27.70 -12.68 22.32
CA GLU A 98 -28.88 -11.93 22.73
C GLU A 98 -28.57 -10.83 23.76
N ALA A 99 -27.75 -11.16 24.80
CA ALA A 99 -27.46 -10.27 25.94
C ALA A 99 -26.38 -9.22 25.65
N TYR A 100 -25.67 -9.31 24.52
CA TYR A 100 -24.58 -8.37 24.22
C TYR A 100 -24.74 -7.72 22.85
N PRO A 101 -24.34 -6.43 22.69
CA PRO A 101 -24.54 -5.75 21.41
C PRO A 101 -23.51 -6.12 20.33
N GLY A 102 -23.67 -5.47 19.18
CA GLY A 102 -22.82 -5.62 18.00
C GLY A 102 -23.47 -6.41 16.89
N LYS A 103 -22.63 -6.91 15.96
CA LYS A 103 -23.07 -7.75 14.84
C LYS A 103 -23.65 -9.06 15.40
N LYS A 104 -24.92 -9.34 15.06
CA LYS A 104 -25.63 -10.55 15.51
C LYS A 104 -25.12 -11.78 14.76
N LEU A 105 -24.70 -12.81 15.51
CA LEU A 105 -24.21 -14.06 14.93
C LEU A 105 -25.38 -14.92 14.47
N LEU A 106 -26.53 -14.84 15.19
CA LEU A 106 -27.76 -15.53 14.83
C LEU A 106 -28.67 -14.57 14.08
N PRO A 107 -29.24 -14.99 12.93
CA PRO A 107 -30.11 -14.05 12.17
C PRO A 107 -31.45 -13.81 12.86
N ASP A 108 -32.02 -12.61 12.66
CA ASP A 108 -33.30 -12.20 13.20
C ASP A 108 -34.46 -13.07 12.67
N ASP A 109 -34.42 -13.45 11.36
CA ASP A 109 -35.46 -14.24 10.70
C ASP A 109 -35.72 -15.56 11.42
N PRO A 110 -36.99 -15.84 11.82
CA PRO A 110 -37.30 -17.08 12.56
C PRO A 110 -36.98 -18.36 11.80
N TYR A 111 -37.21 -18.37 10.47
CA TYR A 111 -36.89 -19.51 9.63
C TYR A 111 -35.37 -19.71 9.55
N GLU A 112 -34.61 -18.62 9.27
CA GLU A 112 -33.15 -18.66 9.15
C GLU A 112 -32.52 -19.09 10.48
N LYS A 113 -33.15 -18.67 11.61
CA LYS A 113 -32.73 -19.07 12.95
C LYS A 113 -32.93 -20.59 13.10
N ALA A 114 -34.13 -21.09 12.73
CA ALA A 114 -34.56 -22.49 12.76
C ALA A 114 -33.62 -23.38 11.93
N CYS A 115 -33.22 -22.90 10.73
CA CYS A 115 -32.33 -23.57 9.79
C CYS A 115 -30.99 -23.85 10.41
N GLN A 116 -30.41 -22.84 11.07
CA GLN A 116 -29.12 -22.96 11.77
C GLN A 116 -29.20 -24.08 12.82
N LYS A 117 -30.31 -24.11 13.59
CA LYS A 117 -30.53 -25.12 14.62
C LYS A 117 -30.76 -26.52 13.98
N MET A 118 -31.34 -26.57 12.77
CA MET A 118 -31.56 -27.83 12.04
C MET A 118 -30.22 -28.40 11.54
N ILE A 119 -29.32 -27.53 11.05
CA ILE A 119 -27.97 -27.89 10.58
C ILE A 119 -27.18 -28.44 11.78
N LEU A 120 -27.31 -27.80 12.98
CA LEU A 120 -26.63 -28.25 14.19
C LEU A 120 -27.06 -29.69 14.52
N GLU A 121 -28.36 -30.02 14.33
CA GLU A 121 -28.87 -31.36 14.56
C GLU A 121 -28.32 -32.39 13.53
N LEU A 122 -28.02 -31.95 12.30
CA LEU A 122 -27.48 -32.78 11.22
C LEU A 122 -26.04 -33.16 11.53
N PHE A 123 -25.35 -32.34 12.33
CA PHE A 123 -23.97 -32.53 12.75
C PHE A 123 -23.88 -33.34 14.06
N SER A 124 -25.02 -33.53 14.76
CA SER A 124 -25.13 -34.12 16.11
C SER A 124 -24.28 -35.37 16.39
N LYS A 125 -24.11 -36.29 15.42
CA LYS A 125 -23.37 -37.55 15.60
C LYS A 125 -21.82 -37.43 15.47
N VAL A 126 -21.30 -36.31 14.91
CA VAL A 126 -19.86 -36.10 14.68
C VAL A 126 -19.03 -36.14 15.99
N PRO A 127 -19.34 -35.39 17.09
CA PRO A 127 -18.49 -35.45 18.29
C PRO A 127 -18.32 -36.86 18.87
N SER A 128 -19.40 -37.67 18.92
CA SER A 128 -19.33 -39.06 19.42
C SER A 128 -18.47 -39.92 18.49
N LEU A 129 -18.48 -39.61 17.17
CA LEU A 129 -17.65 -40.32 16.20
C LEU A 129 -16.16 -39.98 16.38
N VAL A 130 -15.85 -38.70 16.67
CA VAL A 130 -14.48 -38.21 16.93
C VAL A 130 -13.96 -38.92 18.21
N GLY A 131 -14.85 -39.13 19.18
CA GLY A 131 -14.59 -39.82 20.43
C GLY A 131 -14.29 -41.30 20.25
N SER A 132 -15.00 -41.96 19.32
CA SER A 132 -14.80 -43.38 19.01
C SER A 132 -13.50 -43.58 18.24
N PHE A 133 -13.12 -42.61 17.38
CA PHE A 133 -11.89 -42.72 16.60
C PHE A 133 -10.68 -42.54 17.50
N ILE A 134 -10.78 -41.68 18.52
CA ILE A 134 -9.70 -41.40 19.47
C ILE A 134 -9.48 -42.63 20.35
N ARG A 135 -10.53 -43.13 21.01
CA ARG A 135 -10.48 -44.33 21.85
C ARG A 135 -10.55 -45.57 20.93
N SER A 136 -9.40 -46.01 20.40
CA SER A 136 -9.33 -47.16 19.50
C SER A 136 -8.32 -48.20 19.95
N GLN A 137 -8.66 -49.50 19.77
CA GLN A 137 -7.83 -50.64 20.17
C GLN A 137 -7.18 -51.34 18.97
N ASN A 138 -7.72 -51.15 17.75
CA ASN A 138 -7.17 -51.77 16.53
C ASN A 138 -7.39 -50.90 15.28
N LYS A 139 -6.54 -51.13 14.25
CA LYS A 139 -6.53 -50.41 12.97
C LYS A 139 -7.63 -50.89 12.01
N GLU A 140 -8.31 -52.01 12.34
CA GLU A 140 -9.39 -52.57 11.53
C GLU A 140 -10.66 -51.70 11.60
N ASP A 141 -10.96 -51.16 12.79
CA ASP A 141 -12.13 -50.30 13.07
C ASP A 141 -12.05 -48.93 12.37
N TYR A 142 -10.83 -48.49 12.01
CA TYR A 142 -10.51 -47.21 11.39
C TYR A 142 -11.27 -46.97 10.08
N ALA A 143 -11.25 -47.94 9.14
CA ALA A 143 -11.94 -47.81 7.85
C ALA A 143 -13.47 -47.69 8.01
N GLY A 144 -14.04 -48.45 8.95
CA GLY A 144 -15.46 -48.46 9.25
C GLY A 144 -15.95 -47.15 9.83
N LEU A 145 -15.16 -46.58 10.76
CA LEU A 145 -15.44 -45.29 11.38
C LEU A 145 -15.31 -44.16 10.36
N LYS A 146 -14.36 -44.29 9.41
CA LYS A 146 -14.15 -43.32 8.34
C LYS A 146 -15.39 -43.25 7.44
N GLU A 147 -16.00 -44.43 7.16
CA GLU A 147 -17.23 -44.50 6.39
C GLU A 147 -18.38 -43.88 7.20
N GLU A 148 -18.39 -44.07 8.55
CA GLU A 148 -19.42 -43.46 9.42
C GLU A 148 -19.31 -41.92 9.37
N PHE A 149 -18.06 -41.39 9.27
CA PHE A 149 -17.78 -39.96 9.13
C PHE A 149 -18.33 -39.45 7.81
N ARG A 150 -18.01 -40.13 6.69
CA ARG A 150 -18.48 -39.77 5.33
C ARG A 150 -20.01 -39.67 5.29
N LYS A 151 -20.72 -40.66 5.87
CA LYS A 151 -22.19 -40.74 5.97
C LYS A 151 -22.75 -39.48 6.66
N GLU A 152 -22.08 -38.99 7.72
CA GLU A 152 -22.52 -37.80 8.43
C GLU A 152 -22.09 -36.49 7.69
N PHE A 153 -20.85 -36.46 7.15
CA PHE A 153 -20.32 -35.31 6.40
C PHE A 153 -21.09 -35.09 5.08
N THR A 154 -21.76 -36.15 4.54
CA THR A 154 -22.58 -36.00 3.34
C THR A 154 -23.86 -35.20 3.68
N LYS A 155 -24.35 -35.30 4.94
CA LYS A 155 -25.53 -34.55 5.40
C LYS A 155 -25.26 -33.06 5.32
N LEU A 156 -24.04 -32.65 5.72
CA LEU A 156 -23.59 -31.25 5.73
C LEU A 156 -23.37 -30.75 4.31
N GLU A 157 -22.89 -31.61 3.40
CA GLU A 157 -22.63 -31.30 1.99
C GLU A 157 -23.93 -30.92 1.26
N GLU A 158 -25.00 -31.71 1.46
CA GLU A 158 -26.33 -31.52 0.88
C GLU A 158 -26.89 -30.12 1.21
N VAL A 159 -26.64 -29.62 2.45
CA VAL A 159 -27.08 -28.30 2.95
C VAL A 159 -26.38 -27.19 2.14
N LEU A 160 -25.03 -27.24 2.02
CA LEU A 160 -24.23 -26.27 1.27
C LEU A 160 -24.59 -26.27 -0.23
N THR A 161 -24.91 -27.46 -0.78
CA THR A 161 -25.29 -27.66 -2.19
C THR A 161 -26.65 -27.00 -2.45
N ASN A 162 -27.64 -27.23 -1.57
CA ASN A 162 -29.00 -26.70 -1.70
C ASN A 162 -29.04 -25.17 -1.50
N LYS A 163 -28.31 -24.65 -0.50
CA LYS A 163 -28.23 -23.23 -0.17
C LYS A 163 -27.48 -22.42 -1.25
N LYS A 164 -26.52 -23.06 -1.97
CA LYS A 164 -25.68 -22.45 -3.01
C LYS A 164 -24.83 -21.28 -2.44
N THR A 165 -24.45 -21.41 -1.15
CA THR A 165 -23.67 -20.43 -0.37
C THR A 165 -22.36 -21.04 0.16
N THR A 166 -21.38 -20.16 0.55
CA THR A 166 -20.07 -20.54 1.07
C THR A 166 -20.19 -21.11 2.50
N PHE A 167 -20.88 -20.39 3.40
CA PHE A 167 -21.07 -20.78 4.81
C PHE A 167 -22.46 -21.41 5.01
N PHE A 168 -22.67 -22.07 6.16
CA PHE A 168 -23.93 -22.75 6.46
C PHE A 168 -25.10 -21.79 6.78
N GLY A 169 -24.79 -20.52 7.04
CA GLY A 169 -25.79 -19.50 7.33
C GLY A 169 -25.89 -18.35 6.35
N GLY A 170 -25.17 -18.45 5.22
CA GLY A 170 -25.15 -17.44 4.18
C GLY A 170 -23.83 -17.27 3.46
N ASN A 171 -23.61 -16.07 2.89
CA ASN A 171 -22.40 -15.68 2.15
C ASN A 171 -21.30 -15.20 3.10
N SER A 172 -21.70 -14.83 4.34
CA SER A 172 -20.84 -14.37 5.42
C SER A 172 -20.99 -15.32 6.62
N ILE A 173 -19.93 -15.48 7.43
CA ILE A 173 -19.87 -16.36 8.60
C ILE A 173 -20.93 -15.96 9.67
N SER A 174 -21.54 -16.98 10.32
CA SER A 174 -22.55 -16.80 11.36
C SER A 174 -22.32 -17.80 12.52
N MET A 175 -23.31 -17.91 13.44
CA MET A 175 -23.28 -18.76 14.63
C MET A 175 -23.02 -20.25 14.33
N ILE A 176 -23.75 -20.83 13.36
CA ILE A 176 -23.67 -22.26 13.01
C ILE A 176 -22.24 -22.68 12.61
N ASP A 177 -21.51 -21.81 11.89
CA ASP A 177 -20.15 -22.07 11.46
C ASP A 177 -19.22 -22.22 12.68
N TYR A 178 -19.33 -21.28 13.66
CA TYR A 178 -18.57 -21.32 14.90
C TYR A 178 -18.94 -22.52 15.75
N LEU A 179 -20.23 -22.94 15.75
CA LEU A 179 -20.69 -24.09 16.55
C LEU A 179 -20.16 -25.43 16.04
N ILE A 180 -19.99 -25.59 14.72
CA ILE A 180 -19.53 -26.88 14.19
C ILE A 180 -18.02 -26.92 13.90
N TRP A 181 -17.36 -25.74 13.83
CA TRP A 181 -15.93 -25.60 13.50
C TRP A 181 -14.95 -26.42 14.41
N PRO A 182 -14.97 -26.30 15.77
CA PRO A 182 -13.98 -27.02 16.61
C PRO A 182 -13.68 -28.48 16.23
N TRP A 183 -14.66 -29.22 15.72
CA TRP A 183 -14.44 -30.62 15.36
C TRP A 183 -13.72 -30.73 14.02
N PHE A 184 -13.98 -29.80 13.07
CA PHE A 184 -13.32 -29.75 11.76
C PHE A 184 -11.89 -29.26 11.91
N GLU A 185 -11.63 -28.43 12.94
CA GLU A 185 -10.31 -27.89 13.31
C GLU A 185 -9.32 -29.01 13.69
N ARG A 186 -9.82 -30.09 14.31
CA ARG A 186 -9.03 -31.20 14.83
C ARG A 186 -8.88 -32.39 13.83
N LEU A 187 -9.59 -32.36 12.68
CA LEU A 187 -9.57 -33.45 11.67
C LEU A 187 -8.16 -33.74 11.12
N GLU A 188 -7.37 -32.68 10.81
CA GLU A 188 -6.02 -32.80 10.26
CA GLU A 188 -6.02 -32.81 10.26
C GLU A 188 -5.08 -33.45 11.28
N ALA A 189 -5.10 -32.97 12.56
CA ALA A 189 -4.27 -33.49 13.65
C ALA A 189 -4.51 -34.98 13.90
N MET A 190 -5.77 -35.42 13.69
CA MET A 190 -6.21 -36.80 13.87
C MET A 190 -6.04 -37.64 12.59
N LYS A 191 -5.52 -37.02 11.50
CA LYS A 191 -5.28 -37.63 10.18
C LYS A 191 -6.61 -38.19 9.59
N LEU A 192 -7.66 -37.34 9.56
CA LEU A 192 -8.98 -37.72 9.05
C LEU A 192 -9.42 -36.84 7.83
N ASN A 193 -8.48 -36.12 7.20
CA ASN A 193 -8.74 -35.24 6.04
C ASN A 193 -9.36 -35.97 4.84
N GLU A 194 -9.12 -37.29 4.71
CA GLU A 194 -9.66 -38.12 3.62
C GLU A 194 -11.19 -38.33 3.73
N CYS A 195 -11.78 -38.09 4.93
CA CYS A 195 -13.21 -38.24 5.19
C CYS A 195 -14.06 -37.16 4.50
N VAL A 196 -13.40 -36.09 3.99
CA VAL A 196 -14.09 -35.00 3.29
C VAL A 196 -13.78 -35.01 1.76
N ASP A 197 -13.16 -36.09 1.25
CA ASP A 197 -12.77 -36.25 -0.16
C ASP A 197 -14.00 -36.38 -1.09
N HIS A 198 -15.18 -36.75 -0.54
CA HIS A 198 -16.42 -36.92 -1.30
C HIS A 198 -17.40 -35.75 -1.02
N THR A 199 -16.92 -34.71 -0.32
CA THR A 199 -17.72 -33.51 0.03
C THR A 199 -16.91 -32.24 -0.34
N PRO A 200 -16.87 -31.85 -1.65
CA PRO A 200 -16.03 -30.72 -2.08
C PRO A 200 -16.43 -29.37 -1.48
N LYS A 201 -17.74 -29.06 -1.42
CA LYS A 201 -18.23 -27.81 -0.86
C LYS A 201 -17.92 -27.71 0.67
N LEU A 202 -17.88 -28.86 1.37
CA LEU A 202 -17.54 -28.93 2.81
C LEU A 202 -16.03 -28.72 3.01
N LYS A 203 -15.19 -29.25 2.08
CA LYS A 203 -13.73 -29.10 2.09
C LYS A 203 -13.34 -27.64 1.84
N LEU A 204 -14.02 -26.96 0.88
CA LEU A 204 -13.78 -25.54 0.58
C LEU A 204 -14.27 -24.63 1.72
N TRP A 205 -15.25 -25.11 2.51
CA TRP A 205 -15.79 -24.40 3.67
C TRP A 205 -14.71 -24.32 4.78
N MET A 206 -13.95 -25.41 4.99
CA MET A 206 -12.86 -25.52 5.98
C MET A 206 -11.74 -24.51 5.73
N ALA A 207 -11.25 -24.42 4.48
CA ALA A 207 -10.17 -23.49 4.10
C ALA A 207 -10.64 -22.04 4.27
N ALA A 208 -11.90 -21.75 3.87
CA ALA A 208 -12.55 -20.45 4.00
C ALA A 208 -12.72 -20.08 5.48
N MET A 209 -12.98 -21.09 6.36
CA MET A 209 -13.12 -20.90 7.80
C MET A 209 -11.79 -20.56 8.45
N LYS A 210 -10.70 -21.28 8.05
CA LYS A 210 -9.33 -21.12 8.54
C LYS A 210 -8.78 -19.70 8.33
N GLU A 211 -9.36 -18.97 7.38
CA GLU A 211 -8.97 -17.60 7.03
C GLU A 211 -9.73 -16.53 7.87
N ASP A 212 -10.84 -16.92 8.53
CA ASP A 212 -11.65 -15.99 9.36
C ASP A 212 -10.79 -15.52 10.56
N PRO A 213 -10.59 -14.18 10.72
CA PRO A 213 -9.72 -13.68 11.83
C PRO A 213 -10.07 -14.19 13.22
N THR A 214 -11.36 -14.46 13.50
CA THR A 214 -11.81 -14.97 14.80
C THR A 214 -11.35 -16.43 14.98
N VAL A 215 -11.53 -17.27 13.93
CA VAL A 215 -11.14 -18.68 13.89
C VAL A 215 -9.60 -18.81 13.97
N SER A 216 -8.88 -18.02 13.15
CA SER A 216 -7.42 -18.03 13.08
C SER A 216 -6.76 -17.71 14.44
N ALA A 217 -7.31 -16.72 15.16
CA ALA A 217 -6.81 -16.24 16.45
C ALA A 217 -6.93 -17.26 17.60
N LEU A 218 -7.94 -18.13 17.55
CA LEU A 218 -8.22 -19.10 18.61
C LEU A 218 -7.73 -20.52 18.28
N LEU A 219 -7.28 -20.73 17.03
CA LEU A 219 -6.80 -21.99 16.47
C LEU A 219 -5.61 -22.54 17.26
N THR A 220 -5.74 -23.77 17.78
CA THR A 220 -4.68 -24.47 18.53
C THR A 220 -3.88 -25.31 17.53
N SER A 221 -2.56 -25.45 17.76
CA SER A 221 -1.67 -26.16 16.86
C SER A 221 -1.91 -27.69 16.85
N GLU A 222 -1.42 -28.33 15.77
CA GLU A 222 -1.50 -29.77 15.49
C GLU A 222 -0.82 -30.56 16.61
N LYS A 223 0.38 -30.13 17.00
CA LYS A 223 1.19 -30.78 18.03
C LYS A 223 0.60 -30.57 19.43
N ASP A 224 -0.04 -29.41 19.67
CA ASP A 224 -0.65 -29.10 20.96
C ASP A 224 -1.87 -29.99 21.20
N TRP A 225 -2.63 -30.28 20.14
CA TRP A 225 -3.79 -31.18 20.20
C TRP A 225 -3.31 -32.62 20.39
N GLN A 226 -2.25 -33.02 19.66
CA GLN A 226 -1.62 -34.34 19.73
C GLN A 226 -1.01 -34.59 21.11
N GLY A 227 -0.43 -33.55 21.71
CA GLY A 227 0.19 -33.59 23.03
C GLY A 227 -0.84 -33.68 24.14
N PHE A 228 -1.99 -32.98 23.98
CA PHE A 228 -3.09 -33.01 24.95
C PHE A 228 -3.77 -34.38 24.93
N LEU A 229 -4.11 -34.86 23.73
CA LEU A 229 -4.80 -36.13 23.49
C LEU A 229 -3.99 -37.32 24.02
N GLU A 230 -2.65 -37.25 23.89
CA GLU A 230 -1.72 -38.25 24.38
C GLU A 230 -1.86 -38.36 25.92
N LEU A 231 -1.87 -37.21 26.61
CA LEU A 231 -2.02 -37.14 28.08
C LEU A 231 -3.44 -37.52 28.50
N TYR A 232 -4.43 -37.17 27.65
CA TYR A 232 -5.85 -37.47 27.84
C TYR A 232 -6.07 -39.00 27.79
N LEU A 233 -5.44 -39.70 26.82
CA LEU A 233 -5.55 -41.15 26.64
C LEU A 233 -4.69 -41.90 27.68
N GLN A 234 -4.02 -41.15 28.57
CA GLN A 234 -3.22 -41.63 29.70
C GLN A 234 -3.96 -41.25 30.98
N ASN A 235 -5.11 -40.56 30.81
CA ASN A 235 -5.97 -40.01 31.87
C ASN A 235 -5.15 -39.19 32.90
N SER A 236 -4.18 -38.39 32.39
CA SER A 236 -3.28 -37.56 33.18
C SER A 236 -3.96 -36.29 33.70
N PRO A 237 -3.69 -35.87 34.94
CA PRO A 237 -4.29 -34.61 35.44
C PRO A 237 -3.49 -33.37 34.99
N GLU A 238 -2.55 -33.57 34.04
CA GLU A 238 -1.70 -32.52 33.46
C GLU A 238 -2.12 -32.28 32.00
N ALA A 239 -3.06 -33.09 31.49
CA ALA A 239 -3.59 -33.01 30.12
C ALA A 239 -4.11 -31.63 29.84
N CYS A 240 -5.06 -31.15 30.67
CA CYS A 240 -5.70 -29.85 30.57
C CYS A 240 -4.68 -28.68 30.60
N ASP A 241 -3.48 -28.93 31.19
CA ASP A 241 -2.41 -27.92 31.35
C ASP A 241 -1.24 -28.12 30.38
N TYR A 242 -1.41 -28.97 29.34
CA TYR A 242 -0.36 -29.23 28.35
C TYR A 242 0.02 -27.94 27.61
N GLY A 243 1.32 -27.72 27.46
CA GLY A 243 1.87 -26.55 26.80
C GLY A 243 1.91 -25.33 27.69
N LEU A 244 2.46 -25.49 28.93
CA LEU A 244 2.63 -24.48 29.99
C LEU A 244 1.31 -23.87 30.49
N SER B 8 -22.53 6.09 -23.83
CA SER B 8 -22.73 7.29 -23.01
C SER B 8 -21.48 7.53 -22.13
N ALA B 9 -21.41 6.88 -20.94
CA ALA B 9 -20.27 6.94 -20.03
C ALA B 9 -19.34 5.74 -20.26
N ARG B 10 -19.70 4.90 -21.26
CA ARG B 10 -18.98 3.70 -21.68
C ARG B 10 -17.64 4.08 -22.31
N SER B 11 -16.61 3.27 -22.00
CA SER B 11 -15.24 3.46 -22.49
C SER B 11 -15.14 3.23 -23.99
N LEU B 12 -14.49 4.18 -24.70
CA LEU B 12 -14.27 4.08 -26.14
C LEU B 12 -13.12 3.14 -26.39
N GLY B 13 -13.34 2.14 -27.24
CA GLY B 13 -12.33 1.13 -27.58
C GLY B 13 -11.74 1.28 -28.96
N LYS B 14 -11.17 0.18 -29.50
CA LYS B 14 -10.55 0.13 -30.83
C LYS B 14 -11.56 0.40 -31.94
N GLY B 15 -11.19 1.30 -32.84
CA GLY B 15 -12.01 1.68 -33.99
C GLY B 15 -13.18 2.61 -33.71
N SER B 16 -13.17 3.27 -32.54
CA SER B 16 -14.22 4.23 -32.19
C SER B 16 -13.96 5.57 -32.89
N ALA B 17 -14.98 6.45 -32.95
CA ALA B 17 -14.85 7.76 -33.57
C ALA B 17 -13.99 8.70 -32.69
N PRO B 18 -12.95 9.37 -33.26
CA PRO B 18 -12.14 10.27 -32.43
C PRO B 18 -12.93 11.51 -32.00
N PRO B 19 -12.74 12.01 -30.76
CA PRO B 19 -13.54 13.17 -30.30
C PRO B 19 -13.26 14.45 -31.08
N GLY B 20 -14.29 15.30 -31.15
CA GLY B 20 -14.23 16.61 -31.81
C GLY B 20 -13.61 17.70 -30.93
N PRO B 21 -13.69 18.98 -31.36
CA PRO B 21 -13.07 20.07 -30.56
C PRO B 21 -13.75 20.32 -29.21
N VAL B 22 -12.93 20.70 -28.22
CA VAL B 22 -13.36 21.02 -26.85
C VAL B 22 -13.96 22.45 -26.88
N PRO B 23 -15.17 22.69 -26.31
CA PRO B 23 -15.77 24.03 -26.37
C PRO B 23 -15.08 25.05 -25.46
N GLU B 24 -15.24 26.35 -25.79
CA GLU B 24 -14.70 27.48 -25.01
C GLU B 24 -15.37 27.52 -23.63
N GLY B 25 -14.56 27.69 -22.60
CA GLY B 25 -15.01 27.73 -21.21
C GLY B 25 -15.07 26.35 -20.58
N SER B 26 -14.76 25.30 -21.36
CA SER B 26 -14.74 23.90 -20.92
C SER B 26 -13.39 23.25 -21.21
N ILE B 27 -13.09 22.14 -20.49
CA ILE B 27 -11.88 21.33 -20.63
C ILE B 27 -12.30 19.84 -20.68
N ARG B 28 -11.49 18.99 -21.34
CA ARG B 28 -11.76 17.56 -21.45
C ARG B 28 -10.72 16.73 -20.71
N ILE B 29 -11.20 15.71 -19.98
CA ILE B 29 -10.34 14.74 -19.32
C ILE B 29 -10.57 13.35 -19.95
N TYR B 30 -9.48 12.67 -20.31
CA TYR B 30 -9.52 11.28 -20.78
C TYR B 30 -9.28 10.49 -19.53
N SER B 31 -10.24 9.65 -19.18
CA SER B 31 -10.21 8.96 -17.91
C SER B 31 -10.62 7.46 -18.05
N MET B 32 -10.88 6.81 -16.92
CA MET B 32 -11.34 5.45 -16.69
C MET B 32 -11.85 5.48 -15.27
N ARG B 33 -13.14 5.13 -15.09
CA ARG B 33 -13.87 5.23 -13.81
C ARG B 33 -13.17 4.58 -12.60
N PHE B 34 -12.39 3.52 -12.82
CA PHE B 34 -11.74 2.78 -11.72
C PHE B 34 -10.25 3.04 -11.66
N CYS B 35 -9.76 4.04 -12.42
CA CYS B 35 -8.35 4.40 -12.40
C CYS B 35 -8.05 5.39 -11.26
N PRO B 36 -7.27 4.97 -10.22
CA PRO B 36 -6.96 5.89 -9.11
C PRO B 36 -6.06 7.07 -9.53
N PHE B 37 -5.18 6.88 -10.52
CA PHE B 37 -4.33 7.98 -11.01
C PHE B 37 -5.19 9.02 -11.73
N ALA B 38 -6.18 8.59 -12.49
CA ALA B 38 -7.06 9.52 -13.17
C ALA B 38 -8.02 10.19 -12.16
N GLU B 39 -8.33 9.48 -11.07
CA GLU B 39 -9.19 9.95 -9.98
C GLU B 39 -8.60 11.20 -9.31
N ARG B 40 -7.24 11.31 -9.28
CA ARG B 40 -6.56 12.50 -8.75
C ARG B 40 -7.06 13.76 -9.47
N THR B 41 -7.08 13.71 -10.83
CA THR B 41 -7.49 14.81 -11.69
C THR B 41 -8.98 15.12 -11.54
N ARG B 42 -9.83 14.08 -11.54
CA ARG B 42 -11.28 14.27 -11.38
C ARG B 42 -11.60 14.94 -10.02
N LEU B 43 -10.86 14.60 -8.95
CA LEU B 43 -10.99 15.20 -7.62
C LEU B 43 -10.69 16.70 -7.67
N VAL B 44 -9.62 17.09 -8.39
CA VAL B 44 -9.23 18.50 -8.54
C VAL B 44 -10.28 19.24 -9.41
N LEU B 45 -10.71 18.60 -10.52
CA LEU B 45 -11.74 19.17 -11.38
C LEU B 45 -13.00 19.50 -10.56
N LYS B 46 -13.38 18.60 -9.62
CA LYS B 46 -14.55 18.77 -8.75
C LYS B 46 -14.28 19.83 -7.68
N ALA B 47 -13.12 19.74 -6.96
CA ALA B 47 -12.73 20.65 -5.88
C ALA B 47 -12.66 22.11 -6.35
N LYS B 48 -12.19 22.35 -7.58
CA LYS B 48 -12.07 23.70 -8.11
C LYS B 48 -13.33 24.15 -8.89
N GLY B 49 -14.33 23.28 -8.98
CA GLY B 49 -15.59 23.56 -9.69
C GLY B 49 -15.39 23.87 -11.17
N ILE B 50 -14.45 23.15 -11.80
CA ILE B 50 -14.12 23.36 -13.21
C ILE B 50 -15.17 22.69 -14.12
N ARG B 51 -15.68 23.44 -15.13
CA ARG B 51 -16.59 22.94 -16.15
C ARG B 51 -15.79 22.01 -17.06
N HIS B 52 -16.20 20.74 -17.19
CA HIS B 52 -15.47 19.76 -17.97
C HIS B 52 -16.36 18.67 -18.49
N GLU B 53 -15.80 17.84 -19.40
CA GLU B 53 -16.41 16.64 -19.96
C GLU B 53 -15.46 15.46 -19.73
N VAL B 54 -16.02 14.27 -19.53
CA VAL B 54 -15.23 13.06 -19.29
C VAL B 54 -15.39 12.15 -20.49
N ILE B 55 -14.28 11.57 -20.97
CA ILE B 55 -14.28 10.57 -22.03
C ILE B 55 -13.48 9.41 -21.44
N ASN B 56 -14.17 8.28 -21.18
CA ASN B 56 -13.55 7.10 -20.61
C ASN B 56 -12.89 6.26 -21.69
N ILE B 57 -11.72 5.68 -21.39
CA ILE B 57 -10.92 4.89 -22.33
C ILE B 57 -10.77 3.44 -21.84
N ASN B 58 -10.94 2.49 -22.76
CA ASN B 58 -10.77 1.06 -22.51
C ASN B 58 -9.28 0.80 -22.54
N LEU B 59 -8.67 0.57 -21.36
CA LEU B 59 -7.23 0.38 -21.21
C LEU B 59 -6.76 -1.06 -21.55
N LYS B 60 -7.70 -1.94 -21.95
CA LYS B 60 -7.38 -3.31 -22.39
C LYS B 60 -7.81 -3.50 -23.85
N ASN B 61 -8.21 -2.40 -24.53
CA ASN B 61 -8.67 -2.34 -25.93
C ASN B 61 -8.58 -0.86 -26.41
N LYS B 62 -7.39 -0.24 -26.20
CA LYS B 62 -7.09 1.17 -26.46
C LYS B 62 -7.28 1.59 -27.93
N PRO B 63 -7.98 2.73 -28.19
CA PRO B 63 -8.07 3.21 -29.59
C PRO B 63 -6.72 3.76 -30.04
N GLU B 64 -6.36 3.55 -31.33
CA GLU B 64 -5.09 4.00 -31.88
C GLU B 64 -4.96 5.52 -31.86
N TRP B 65 -6.08 6.27 -31.93
CA TRP B 65 -6.07 7.74 -31.87
C TRP B 65 -5.68 8.26 -30.48
N PHE B 66 -5.76 7.41 -29.44
CA PHE B 66 -5.41 7.80 -28.07
C PHE B 66 -3.90 7.93 -27.89
N PHE B 67 -3.09 7.27 -28.74
CA PHE B 67 -1.63 7.38 -28.66
C PHE B 67 -1.14 8.74 -29.20
N LYS B 68 -2.01 9.44 -29.97
CA LYS B 68 -1.76 10.79 -30.49
C LYS B 68 -2.01 11.82 -29.39
N LYS B 69 -2.77 11.44 -28.34
CA LYS B 69 -3.09 12.26 -27.16
C LYS B 69 -1.98 12.12 -26.11
N ASN B 70 -1.48 10.88 -25.89
CA ASN B 70 -0.41 10.54 -24.95
C ASN B 70 0.48 9.44 -25.54
N PRO B 71 1.82 9.65 -25.70
CA PRO B 71 2.66 8.58 -26.28
C PRO B 71 2.78 7.37 -25.34
N PHE B 72 2.72 7.58 -24.01
CA PHE B 72 2.76 6.51 -23.00
C PHE B 72 1.47 5.65 -23.05
N GLY B 73 0.40 6.21 -23.61
CA GLY B 73 -0.90 5.57 -23.77
C GLY B 73 -1.66 5.38 -22.47
N LEU B 74 -1.53 6.32 -21.53
CA LEU B 74 -2.17 6.21 -20.22
C LEU B 74 -3.09 7.37 -19.88
N VAL B 75 -4.08 7.10 -19.01
CA VAL B 75 -5.00 8.11 -18.44
C VAL B 75 -4.41 8.55 -17.07
N PRO B 76 -4.63 9.78 -16.58
CA PRO B 76 -5.45 10.87 -17.14
C PRO B 76 -4.73 11.66 -18.21
N VAL B 77 -5.50 12.34 -19.06
CA VAL B 77 -5.02 13.24 -20.10
C VAL B 77 -5.99 14.42 -20.14
N LEU B 78 -5.47 15.64 -20.16
CA LEU B 78 -6.29 16.83 -20.28
C LEU B 78 -6.19 17.37 -21.69
N GLU B 79 -7.30 17.93 -22.21
CA GLU B 79 -7.35 18.54 -23.52
C GLU B 79 -8.29 19.74 -23.48
N ASN B 80 -7.75 20.94 -23.78
CA ASN B 80 -8.47 22.21 -23.74
C ASN B 80 -9.00 22.62 -25.14
N SER B 81 -9.68 23.79 -25.22
CA SER B 81 -10.22 24.34 -26.48
C SER B 81 -9.11 24.77 -27.48
N GLN B 82 -7.86 24.95 -26.99
CA GLN B 82 -6.71 25.32 -27.84
C GLN B 82 -6.02 24.08 -28.45
N GLY B 83 -6.51 22.89 -28.09
CA GLY B 83 -5.98 21.60 -28.53
C GLY B 83 -4.76 21.12 -27.78
N GLN B 84 -4.35 21.82 -26.71
CA GLN B 84 -3.17 21.49 -25.89
C GLN B 84 -3.44 20.26 -25.01
N LEU B 85 -2.47 19.33 -24.98
CA LEU B 85 -2.55 18.06 -24.26
C LEU B 85 -1.55 17.97 -23.12
N ILE B 86 -2.06 17.58 -21.93
CA ILE B 86 -1.27 17.45 -20.72
C ILE B 86 -1.52 16.07 -20.14
N TYR B 87 -0.45 15.33 -19.84
CA TYR B 87 -0.54 13.99 -19.24
C TYR B 87 0.36 13.91 -18.01
N GLU B 88 0.21 12.79 -17.24
CA GLU B 88 0.80 12.45 -15.93
C GLU B 88 -0.10 13.07 -14.91
N SER B 89 -0.69 12.24 -14.04
CA SER B 89 -1.64 12.65 -13.01
C SER B 89 -1.21 13.88 -12.21
N ALA B 90 0.04 13.92 -11.67
CA ALA B 90 0.51 15.06 -10.85
C ALA B 90 0.59 16.33 -11.70
N ILE B 91 1.12 16.22 -12.93
CA ILE B 91 1.27 17.33 -13.87
C ILE B 91 -0.12 17.94 -14.20
N THR B 92 -1.14 17.05 -14.48
CA THR B 92 -2.51 17.46 -14.82
C THR B 92 -3.14 18.22 -13.64
N CYS B 93 -2.93 17.76 -12.39
CA CYS B 93 -3.46 18.40 -11.19
C CYS B 93 -2.84 19.80 -10.93
N GLU B 94 -1.52 19.93 -11.10
CA GLU B 94 -0.82 21.20 -10.93
C GLU B 94 -1.29 22.17 -12.01
N TYR B 95 -1.43 21.68 -13.27
CA TYR B 95 -1.87 22.50 -14.40
C TYR B 95 -3.24 23.12 -14.09
N LEU B 96 -4.21 22.31 -13.64
CA LEU B 96 -5.56 22.76 -13.28
C LEU B 96 -5.54 23.77 -12.13
N ASP B 97 -4.71 23.50 -11.09
CA ASP B 97 -4.62 24.42 -9.95
C ASP B 97 -4.07 25.81 -10.38
N GLU B 98 -3.17 25.83 -11.38
CA GLU B 98 -2.59 27.09 -11.89
C GLU B 98 -3.48 27.78 -12.95
N ALA B 99 -4.11 26.99 -13.84
CA ALA B 99 -4.87 27.49 -14.99
C ALA B 99 -6.32 27.95 -14.69
N TYR B 100 -6.87 27.60 -13.52
CA TYR B 100 -8.26 27.92 -13.21
C TYR B 100 -8.40 28.78 -11.95
N PRO B 101 -9.47 29.62 -11.85
CA PRO B 101 -9.60 30.51 -10.67
C PRO B 101 -10.06 29.77 -9.41
N GLY B 102 -10.14 30.52 -8.31
CA GLY B 102 -10.55 30.00 -7.00
C GLY B 102 -9.35 29.80 -6.09
N LYS B 103 -9.61 29.27 -4.88
CA LYS B 103 -8.57 28.99 -3.88
C LYS B 103 -7.58 27.93 -4.42
N LYS B 104 -6.27 28.21 -4.25
CA LYS B 104 -5.17 27.33 -4.68
C LYS B 104 -5.11 26.09 -3.77
N LEU B 105 -5.15 24.88 -4.37
CA LEU B 105 -5.05 23.62 -3.64
C LEU B 105 -3.61 23.38 -3.21
N LEU B 106 -2.65 23.85 -4.02
CA LEU B 106 -1.21 23.85 -3.74
C LEU B 106 -0.88 25.20 -3.10
N PRO B 107 -0.15 25.26 -1.96
CA PRO B 107 0.14 26.58 -1.38
C PRO B 107 1.08 27.39 -2.26
N ASP B 108 0.87 28.70 -2.25
CA ASP B 108 1.69 29.63 -3.03
C ASP B 108 3.08 29.79 -2.43
N ASP B 109 3.23 29.54 -1.12
CA ASP B 109 4.53 29.61 -0.45
C ASP B 109 5.49 28.56 -1.06
N PRO B 110 6.61 28.99 -1.69
CA PRO B 110 7.54 28.01 -2.32
C PRO B 110 7.92 26.83 -1.44
N TYR B 111 8.12 27.05 -0.13
CA TYR B 111 8.49 25.97 0.78
C TYR B 111 7.32 25.00 1.04
N GLU B 112 6.12 25.54 1.33
CA GLU B 112 4.93 24.72 1.62
C GLU B 112 4.53 23.89 0.41
N LYS B 113 4.78 24.41 -0.80
CA LYS B 113 4.56 23.72 -2.06
C LYS B 113 5.57 22.60 -2.18
N ALA B 114 6.85 22.91 -1.91
CA ALA B 114 7.95 21.92 -1.93
C ALA B 114 7.63 20.73 -1.01
N CYS B 115 7.05 21.02 0.19
CA CYS B 115 6.62 20.03 1.20
C CYS B 115 5.63 19.05 0.66
N GLN B 116 4.62 19.54 -0.07
CA GLN B 116 3.56 18.70 -0.63
C GLN B 116 4.15 17.70 -1.59
N LYS B 117 5.06 18.15 -2.44
CA LYS B 117 5.74 17.31 -3.42
C LYS B 117 6.72 16.34 -2.74
N MET B 118 7.32 16.74 -1.59
CA MET B 118 8.20 15.87 -0.81
C MET B 118 7.35 14.76 -0.16
N ILE B 119 6.13 15.11 0.32
CA ILE B 119 5.19 14.13 0.91
C ILE B 119 4.75 13.16 -0.18
N LEU B 120 4.58 13.66 -1.43
CA LEU B 120 4.20 12.85 -2.59
C LEU B 120 5.24 11.76 -2.86
N GLU B 121 6.53 12.09 -2.69
CA GLU B 121 7.60 11.11 -2.90
C GLU B 121 7.64 10.08 -1.79
N LEU B 122 7.25 10.48 -0.58
CA LEU B 122 7.17 9.61 0.59
C LEU B 122 6.11 8.50 0.40
N PHE B 123 5.10 8.75 -0.45
CA PHE B 123 3.99 7.85 -0.77
C PHE B 123 4.24 6.97 -2.03
N SER B 124 5.24 7.33 -2.87
CA SER B 124 5.53 6.72 -4.19
C SER B 124 5.53 5.16 -4.22
N LYS B 125 5.80 4.49 -3.09
CA LYS B 125 5.86 3.02 -3.02
C LYS B 125 4.48 2.36 -2.83
N VAL B 126 3.46 3.12 -2.36
CA VAL B 126 2.13 2.57 -2.05
C VAL B 126 1.41 2.01 -3.34
N PRO B 127 1.32 2.72 -4.51
CA PRO B 127 0.65 2.11 -5.66
C PRO B 127 1.18 0.74 -6.08
N SER B 128 2.53 0.57 -6.16
CA SER B 128 3.16 -0.70 -6.57
C SER B 128 2.97 -1.80 -5.52
N LEU B 129 2.89 -1.43 -4.22
CA LEU B 129 2.64 -2.37 -3.13
C LEU B 129 1.22 -2.94 -3.20
N VAL B 130 0.25 -2.10 -3.63
CA VAL B 130 -1.16 -2.43 -3.82
C VAL B 130 -1.23 -3.48 -4.95
N GLY B 131 -0.56 -3.17 -6.07
CA GLY B 131 -0.47 -4.04 -7.24
C GLY B 131 0.09 -5.42 -6.98
N SER B 132 1.08 -5.51 -6.07
CA SER B 132 1.69 -6.78 -5.68
C SER B 132 0.69 -7.59 -4.83
N PHE B 133 -0.03 -6.93 -3.89
CA PHE B 133 -1.03 -7.54 -3.01
C PHE B 133 -2.25 -8.02 -3.82
N ILE B 134 -2.57 -7.30 -4.90
CA ILE B 134 -3.68 -7.55 -5.81
C ILE B 134 -3.42 -8.86 -6.60
N ARG B 135 -2.18 -9.04 -7.08
CA ARG B 135 -1.76 -10.19 -7.89
C ARG B 135 -1.11 -11.32 -7.06
N SER B 136 -1.09 -11.19 -5.70
CA SER B 136 -0.51 -12.16 -4.77
C SER B 136 -1.16 -13.54 -4.91
N GLN B 137 -0.34 -14.61 -4.85
CA GLN B 137 -0.80 -15.98 -4.99
C GLN B 137 -0.81 -16.71 -3.64
N ASN B 138 0.34 -16.72 -2.91
CA ASN B 138 0.47 -17.39 -1.63
C ASN B 138 0.09 -16.46 -0.46
N LYS B 139 -0.53 -17.03 0.59
CA LYS B 139 -0.97 -16.34 1.81
C LYS B 139 0.22 -15.96 2.72
N GLU B 140 1.40 -16.56 2.47
CA GLU B 140 2.65 -16.30 3.20
C GLU B 140 3.22 -14.94 2.78
N ASP B 141 3.00 -14.57 1.51
CA ASP B 141 3.43 -13.30 0.92
C ASP B 141 2.62 -12.13 1.49
N TYR B 142 1.34 -12.39 1.83
CA TYR B 142 0.36 -11.47 2.41
C TYR B 142 0.89 -10.79 3.67
N ALA B 143 1.41 -11.58 4.63
CA ALA B 143 1.97 -11.13 5.91
C ALA B 143 3.13 -10.15 5.70
N GLY B 144 4.01 -10.49 4.76
CA GLY B 144 5.19 -9.70 4.38
C GLY B 144 4.80 -8.39 3.74
N LEU B 145 3.87 -8.44 2.76
CA LEU B 145 3.37 -7.28 2.02
C LEU B 145 2.67 -6.30 2.96
N LYS B 146 1.83 -6.81 3.89
CA LYS B 146 1.10 -6.00 4.88
C LYS B 146 2.06 -5.28 5.83
N GLU B 147 3.22 -5.90 6.10
CA GLU B 147 4.25 -5.31 6.95
C GLU B 147 4.94 -4.16 6.19
N GLU B 148 5.12 -4.30 4.84
CA GLU B 148 5.70 -3.27 3.96
C GLU B 148 4.76 -2.06 3.93
N PHE B 149 3.43 -2.33 3.81
CA PHE B 149 2.37 -1.33 3.86
C PHE B 149 2.46 -0.51 5.14
N ARG B 150 2.62 -1.22 6.29
CA ARG B 150 2.73 -0.64 7.63
C ARG B 150 3.94 0.31 7.75
N LYS B 151 5.09 -0.06 7.17
CA LYS B 151 6.30 0.77 7.21
C LYS B 151 6.14 2.04 6.36
N GLU B 152 5.48 1.92 5.19
CA GLU B 152 5.19 3.05 4.30
C GLU B 152 4.17 3.99 4.92
N PHE B 153 3.14 3.43 5.61
CA PHE B 153 2.10 4.24 6.28
C PHE B 153 2.65 4.92 7.55
N THR B 154 3.75 4.39 8.15
CA THR B 154 4.42 4.98 9.32
C THR B 154 5.08 6.31 8.92
N LYS B 155 5.65 6.38 7.69
CA LYS B 155 6.27 7.60 7.14
C LYS B 155 5.25 8.75 7.02
N LEU B 156 4.02 8.43 6.61
CA LEU B 156 2.97 9.43 6.46
C LEU B 156 2.44 9.86 7.83
N GLU B 157 2.40 8.93 8.79
CA GLU B 157 1.99 9.15 10.17
C GLU B 157 2.95 10.14 10.84
N GLU B 158 4.28 9.95 10.61
CA GLU B 158 5.37 10.79 11.13
C GLU B 158 5.21 12.24 10.65
N VAL B 159 4.78 12.43 9.37
CA VAL B 159 4.52 13.72 8.72
C VAL B 159 3.40 14.46 9.48
N LEU B 160 2.27 13.77 9.73
CA LEU B 160 1.10 14.34 10.43
C LEU B 160 1.49 14.74 11.85
N THR B 161 2.35 13.94 12.51
CA THR B 161 2.85 14.16 13.87
C THR B 161 3.75 15.40 13.89
N ASN B 162 4.72 15.48 12.96
CA ASN B 162 5.64 16.63 12.84
C ASN B 162 4.87 17.93 12.52
N LYS B 163 3.84 17.87 11.66
CA LYS B 163 3.02 19.02 11.25
C LYS B 163 2.03 19.45 12.33
N LYS B 164 1.56 18.47 13.15
CA LYS B 164 0.60 18.65 14.26
C LYS B 164 -0.76 19.16 13.72
N THR B 165 -1.15 18.69 12.51
CA THR B 165 -2.42 19.02 11.86
C THR B 165 -3.16 17.73 11.40
N THR B 166 -4.47 17.85 11.09
CA THR B 166 -5.35 16.77 10.63
C THR B 166 -4.94 16.28 9.22
N PHE B 167 -4.73 17.21 8.28
CA PHE B 167 -4.39 16.87 6.88
C PHE B 167 -2.88 17.06 6.62
N PHE B 168 -2.42 16.61 5.47
CA PHE B 168 -1.02 16.61 5.13
C PHE B 168 -0.47 18.01 4.78
N GLY B 169 -1.32 18.93 4.32
CA GLY B 169 -0.96 20.31 3.99
C GLY B 169 -1.32 21.34 5.06
N GLY B 170 -2.03 20.91 6.09
CA GLY B 170 -2.47 21.78 7.18
C GLY B 170 -3.74 21.28 7.85
N ASN B 171 -4.50 22.19 8.49
CA ASN B 171 -5.72 21.77 9.19
C ASN B 171 -6.97 21.78 8.29
N SER B 172 -6.81 22.09 7.02
CA SER B 172 -7.86 22.01 6.02
C SER B 172 -7.29 21.21 4.84
N ILE B 173 -8.15 20.59 4.02
CA ILE B 173 -7.77 19.77 2.88
C ILE B 173 -7.07 20.62 1.79
N SER B 174 -6.05 20.04 1.12
CA SER B 174 -5.29 20.69 0.06
C SER B 174 -4.88 19.61 -0.98
N MET B 175 -4.12 19.99 -2.03
CA MET B 175 -3.70 19.12 -3.14
C MET B 175 -3.15 17.75 -2.72
N ILE B 176 -2.19 17.72 -1.78
CA ILE B 176 -1.51 16.47 -1.40
C ILE B 176 -2.53 15.39 -0.91
N ASP B 177 -3.58 15.81 -0.18
CA ASP B 177 -4.60 14.93 0.38
C ASP B 177 -5.34 14.24 -0.77
N TYR B 178 -5.72 15.02 -1.81
CA TYR B 178 -6.37 14.49 -3.03
C TYR B 178 -5.42 13.59 -3.84
N LEU B 179 -4.13 13.92 -3.88
CA LEU B 179 -3.15 13.12 -4.65
C LEU B 179 -2.95 11.71 -4.05
N ILE B 180 -2.98 11.56 -2.70
CA ILE B 180 -2.72 10.24 -2.14
C ILE B 180 -4.02 9.48 -1.78
N TRP B 181 -5.15 10.19 -1.62
CA TRP B 181 -6.45 9.63 -1.22
C TRP B 181 -6.92 8.38 -2.02
N PRO B 182 -6.89 8.36 -3.38
CA PRO B 182 -7.47 7.20 -4.12
C PRO B 182 -7.04 5.80 -3.66
N TRP B 183 -5.81 5.63 -3.17
CA TRP B 183 -5.32 4.34 -2.73
C TRP B 183 -5.84 4.02 -1.33
N PHE B 184 -5.89 5.04 -0.43
CA PHE B 184 -6.38 4.86 0.93
C PHE B 184 -7.87 4.53 0.92
N GLU B 185 -8.61 5.06 -0.07
CA GLU B 185 -10.04 4.82 -0.30
C GLU B 185 -10.32 3.33 -0.55
N ARG B 186 -9.45 2.67 -1.32
CA ARG B 186 -9.56 1.27 -1.74
C ARG B 186 -9.06 0.26 -0.68
N LEU B 187 -8.46 0.74 0.44
CA LEU B 187 -7.90 -0.12 1.49
C LEU B 187 -8.92 -1.01 2.17
N GLU B 188 -10.15 -0.49 2.39
CA GLU B 188 -11.26 -1.21 3.02
C GLU B 188 -11.68 -2.40 2.15
N ALA B 189 -11.92 -2.15 0.85
CA ALA B 189 -12.35 -3.12 -0.17
C ALA B 189 -11.35 -4.26 -0.36
N MET B 190 -10.06 -3.98 -0.19
CA MET B 190 -8.98 -4.95 -0.36
C MET B 190 -8.64 -5.66 0.97
N LYS B 191 -9.43 -5.37 2.04
CA LYS B 191 -9.30 -5.91 3.40
C LYS B 191 -7.90 -5.58 3.99
N LEU B 192 -7.34 -4.42 3.60
CA LEU B 192 -6.04 -3.95 4.06
C LEU B 192 -6.22 -2.95 5.22
N ASN B 193 -7.46 -2.79 5.70
CA ASN B 193 -7.84 -1.88 6.80
C ASN B 193 -6.97 -2.01 8.05
N GLU B 194 -6.49 -3.23 8.39
CA GLU B 194 -5.64 -3.50 9.56
C GLU B 194 -4.25 -2.82 9.48
N CYS B 195 -3.79 -2.51 8.25
CA CYS B 195 -2.48 -1.88 7.97
C CYS B 195 -2.34 -0.46 8.58
N VAL B 196 -3.42 0.11 9.17
CA VAL B 196 -3.38 1.44 9.77
C VAL B 196 -3.64 1.41 11.29
N ASP B 197 -3.79 0.20 11.89
CA ASP B 197 -4.05 0.02 13.33
C ASP B 197 -2.86 0.51 14.20
N HIS B 198 -1.71 0.83 13.58
CA HIS B 198 -0.51 1.33 14.26
C HIS B 198 -0.27 2.82 13.91
N THR B 199 -1.11 3.38 13.01
CA THR B 199 -1.02 4.77 12.54
C THR B 199 -2.35 5.48 12.86
N PRO B 200 -2.45 6.08 14.07
CA PRO B 200 -3.72 6.71 14.50
C PRO B 200 -4.10 8.01 13.79
N LYS B 201 -3.14 8.93 13.58
CA LYS B 201 -3.40 10.21 12.89
C LYS B 201 -3.84 9.95 11.45
N LEU B 202 -3.22 8.96 10.78
CA LEU B 202 -3.55 8.56 9.41
C LEU B 202 -4.97 7.97 9.36
N LYS B 203 -5.36 7.21 10.39
CA LYS B 203 -6.72 6.63 10.53
C LYS B 203 -7.76 7.74 10.65
N LEU B 204 -7.38 8.86 11.32
CA LEU B 204 -8.24 10.02 11.56
C LEU B 204 -8.31 10.87 10.30
N TRP B 205 -7.22 10.93 9.52
CA TRP B 205 -7.12 11.62 8.22
C TRP B 205 -8.08 10.95 7.21
N MET B 206 -8.23 9.62 7.28
CA MET B 206 -9.13 8.86 6.41
C MET B 206 -10.59 9.17 6.68
N ALA B 207 -10.97 9.26 7.98
CA ALA B 207 -12.35 9.57 8.36
C ALA B 207 -12.68 11.04 7.98
N ALA B 208 -11.71 11.96 8.13
CA ALA B 208 -11.90 13.38 7.77
C ALA B 208 -12.05 13.51 6.25
N MET B 209 -11.29 12.72 5.48
CA MET B 209 -11.37 12.71 4.02
C MET B 209 -12.76 12.26 3.55
N LYS B 210 -13.31 11.20 4.20
CA LYS B 210 -14.63 10.66 3.86
C LYS B 210 -15.78 11.69 4.08
N GLU B 211 -15.56 12.70 4.95
CA GLU B 211 -16.55 13.74 5.24
C GLU B 211 -16.41 14.97 4.30
N ASP B 212 -15.30 15.05 3.53
CA ASP B 212 -15.08 16.13 2.56
C ASP B 212 -16.11 15.97 1.42
N PRO B 213 -16.80 17.05 1.01
CA PRO B 213 -17.84 16.93 -0.05
C PRO B 213 -17.29 16.48 -1.42
N THR B 214 -16.10 16.95 -1.82
CA THR B 214 -15.51 16.57 -3.12
C THR B 214 -15.16 15.06 -3.11
N VAL B 215 -14.55 14.56 -2.02
CA VAL B 215 -14.15 13.15 -1.88
C VAL B 215 -15.41 12.24 -1.87
N SER B 216 -16.46 12.68 -1.16
CA SER B 216 -17.74 11.99 -0.98
C SER B 216 -18.44 11.73 -2.32
N ALA B 217 -18.54 12.77 -3.18
CA ALA B 217 -19.22 12.68 -4.49
C ALA B 217 -18.53 11.73 -5.47
N LEU B 218 -17.21 11.46 -5.30
CA LEU B 218 -16.43 10.62 -6.20
C LEU B 218 -16.11 9.23 -5.63
N LEU B 219 -16.63 8.94 -4.44
CA LEU B 219 -16.43 7.68 -3.72
C LEU B 219 -16.99 6.47 -4.53
N THR B 220 -16.11 5.48 -4.82
CA THR B 220 -16.51 4.24 -5.52
C THR B 220 -16.79 3.18 -4.44
N SER B 221 -18.00 2.55 -4.49
CA SER B 221 -18.44 1.55 -3.51
C SER B 221 -17.51 0.31 -3.44
N GLU B 222 -17.50 -0.36 -2.27
CA GLU B 222 -16.68 -1.55 -1.93
C GLU B 222 -16.83 -2.69 -2.94
N LYS B 223 -18.06 -2.98 -3.40
CA LYS B 223 -18.36 -4.06 -4.35
C LYS B 223 -17.96 -3.69 -5.79
N ASP B 224 -18.03 -2.39 -6.16
CA ASP B 224 -17.66 -1.90 -7.48
C ASP B 224 -16.18 -2.17 -7.78
N TRP B 225 -15.29 -1.83 -6.83
CA TRP B 225 -13.85 -2.02 -6.94
C TRP B 225 -13.54 -3.52 -7.02
N GLN B 226 -14.15 -4.33 -6.14
CA GLN B 226 -14.04 -5.80 -6.07
C GLN B 226 -14.45 -6.47 -7.40
N GLY B 227 -15.49 -5.93 -8.03
CA GLY B 227 -16.00 -6.40 -9.33
C GLY B 227 -15.09 -6.02 -10.49
N PHE B 228 -14.52 -4.79 -10.45
CA PHE B 228 -13.58 -4.31 -11.47
C PHE B 228 -12.28 -5.12 -11.38
N LEU B 229 -11.80 -5.34 -10.14
CA LEU B 229 -10.57 -6.05 -9.80
C LEU B 229 -10.51 -7.46 -10.37
N GLU B 230 -11.53 -8.33 -10.13
CA GLU B 230 -11.48 -9.70 -10.67
C GLU B 230 -11.48 -9.70 -12.20
N LEU B 231 -12.12 -8.70 -12.85
CA LEU B 231 -12.07 -8.57 -14.31
C LEU B 231 -10.67 -8.13 -14.76
N TYR B 232 -10.10 -7.11 -14.07
CA TYR B 232 -8.76 -6.53 -14.28
C TYR B 232 -7.66 -7.59 -14.08
N LEU B 233 -7.84 -8.48 -13.08
CA LEU B 233 -6.93 -9.57 -12.74
C LEU B 233 -7.03 -10.71 -13.76
N GLN B 234 -8.13 -10.74 -14.52
CA GLN B 234 -8.35 -11.69 -15.60
C GLN B 234 -7.93 -11.07 -16.94
N ASN B 235 -7.49 -9.77 -16.91
CA ASN B 235 -7.10 -8.97 -18.09
C ASN B 235 -8.25 -9.01 -19.09
N SER B 236 -9.35 -8.31 -18.76
CA SER B 236 -10.59 -8.30 -19.55
C SER B 236 -10.87 -6.93 -20.21
N PRO B 237 -11.41 -6.91 -21.45
CA PRO B 237 -11.75 -5.63 -22.08
C PRO B 237 -13.07 -5.03 -21.56
N GLU B 238 -13.74 -5.75 -20.63
CA GLU B 238 -15.03 -5.38 -20.04
C GLU B 238 -14.89 -4.86 -18.60
N ALA B 239 -13.66 -4.85 -18.06
CA ALA B 239 -13.33 -4.38 -16.70
C ALA B 239 -13.62 -2.91 -16.50
N CYS B 240 -13.28 -2.10 -17.51
CA CYS B 240 -13.39 -0.65 -17.51
C CYS B 240 -14.86 -0.18 -17.50
N ASP B 241 -15.77 -1.02 -18.01
CA ASP B 241 -17.21 -0.74 -18.09
C ASP B 241 -18.04 -1.55 -17.08
N TYR B 242 -17.41 -2.07 -16.00
CA TYR B 242 -18.09 -2.84 -14.95
C TYR B 242 -19.15 -1.97 -14.23
N GLY B 243 -20.37 -2.50 -14.14
CA GLY B 243 -21.49 -1.83 -13.49
C GLY B 243 -22.19 -0.83 -14.38
N LEU B 244 -22.62 -1.28 -15.59
CA LEU B 244 -23.31 -0.56 -16.67
C LEU B 244 -22.37 0.39 -17.42
N SER C 8 37.74 22.87 3.02
CA SER C 8 36.30 23.08 3.10
C SER C 8 35.51 22.30 2.02
N ALA C 9 36.15 21.97 0.87
CA ALA C 9 35.53 21.23 -0.25
C ALA C 9 35.41 19.72 0.03
N ARG C 10 36.22 19.19 0.99
CA ARG C 10 36.26 17.78 1.37
C ARG C 10 34.93 17.33 1.97
N SER C 11 34.47 16.15 1.54
CA SER C 11 33.19 15.57 1.95
C SER C 11 33.18 15.18 3.42
N LEU C 12 32.00 15.34 4.06
CA LEU C 12 31.83 14.98 5.46
C LEU C 12 31.27 13.57 5.54
N GLY C 13 31.94 12.73 6.33
CA GLY C 13 31.59 11.32 6.52
C GLY C 13 31.22 10.94 7.93
N LYS C 14 31.37 9.65 8.26
CA LYS C 14 31.12 9.09 9.58
C LYS C 14 31.97 9.85 10.62
N GLY C 15 31.33 10.25 11.72
CA GLY C 15 31.99 10.96 12.80
C GLY C 15 32.34 12.42 12.53
N SER C 16 31.80 13.00 11.45
CA SER C 16 32.04 14.41 11.12
C SER C 16 31.18 15.32 11.99
N ALA C 17 31.64 16.56 12.22
CA ALA C 17 30.92 17.51 13.06
C ALA C 17 29.69 18.08 12.33
N PRO C 18 28.51 18.12 13.03
CA PRO C 18 27.31 18.68 12.40
C PRO C 18 27.43 20.19 12.20
N PRO C 19 26.98 20.73 11.05
CA PRO C 19 27.17 22.17 10.80
C PRO C 19 26.24 23.06 11.62
N GLY C 20 26.69 24.29 11.85
CA GLY C 20 25.92 25.31 12.54
C GLY C 20 24.76 25.85 11.73
N PRO C 21 24.01 26.85 12.26
CA PRO C 21 22.88 27.40 11.49
C PRO C 21 23.33 28.17 10.26
N VAL C 22 22.50 28.14 9.21
CA VAL C 22 22.74 28.84 7.94
C VAL C 22 22.62 30.34 8.21
N PRO C 23 23.61 31.17 7.82
CA PRO C 23 23.50 32.63 8.05
C PRO C 23 22.33 33.26 7.28
N GLU C 24 21.81 34.39 7.80
CA GLU C 24 20.71 35.12 7.18
C GLU C 24 21.18 35.73 5.88
N GLY C 25 20.33 35.67 4.85
CA GLY C 25 20.64 36.12 3.50
C GLY C 25 21.37 35.07 2.69
N SER C 26 21.63 33.91 3.29
CA SER C 26 22.33 32.80 2.65
C SER C 26 21.46 31.52 2.61
N ILE C 27 21.91 30.51 1.85
CA ILE C 27 21.26 29.20 1.76
C ILE C 27 22.37 28.13 1.66
N ARG C 28 22.12 26.97 2.22
CA ARG C 28 23.09 25.89 2.20
C ARG C 28 22.61 24.74 1.30
N ILE C 29 23.55 24.19 0.51
CA ILE C 29 23.32 23.00 -0.30
C ILE C 29 24.21 21.89 0.21
N TYR C 30 23.59 20.74 0.54
CA TYR C 30 24.28 19.48 0.84
C TYR C 30 24.46 18.86 -0.51
N SER C 31 25.69 18.60 -0.89
CA SER C 31 25.97 18.17 -2.25
C SER C 31 27.06 17.09 -2.26
N MET C 32 27.61 16.81 -3.46
CA MET C 32 28.71 15.91 -3.79
C MET C 32 29.13 16.36 -5.17
N ARG C 33 30.38 16.82 -5.32
CA ARG C 33 30.97 17.43 -6.54
C ARG C 33 30.75 16.63 -7.83
N PHE C 34 30.53 15.30 -7.72
CA PHE C 34 30.37 14.45 -8.90
C PHE C 34 28.93 13.89 -9.06
N CYS C 35 28.00 14.31 -8.19
CA CYS C 35 26.61 13.85 -8.24
C CYS C 35 25.84 14.63 -9.33
N PRO C 36 25.45 14.00 -10.47
CA PRO C 36 24.72 14.74 -11.52
C PRO C 36 23.36 15.30 -11.04
N PHE C 37 22.68 14.60 -10.08
CA PHE C 37 21.39 15.06 -9.53
C PHE C 37 21.61 16.34 -8.71
N ALA C 38 22.72 16.43 -7.95
CA ALA C 38 23.02 17.63 -7.18
C ALA C 38 23.51 18.77 -8.08
N GLU C 39 24.11 18.45 -9.25
CA GLU C 39 24.58 19.43 -10.22
C GLU C 39 23.42 20.30 -10.73
N ARG C 40 22.22 19.72 -10.86
CA ARG C 40 21.00 20.43 -11.27
C ARG C 40 20.84 21.69 -10.39
N THR C 41 20.74 21.48 -9.05
CA THR C 41 20.59 22.52 -8.04
C THR C 41 21.76 23.50 -8.10
N ARG C 42 22.99 23.00 -8.30
CA ARG C 42 24.19 23.83 -8.39
C ARG C 42 24.13 24.76 -9.62
N LEU C 43 23.59 24.27 -10.75
CA LEU C 43 23.41 25.05 -11.99
C LEU C 43 22.37 26.16 -11.80
N VAL C 44 21.31 25.90 -11.02
CA VAL C 44 20.25 26.88 -10.73
C VAL C 44 20.78 27.96 -9.79
N LEU C 45 21.52 27.55 -8.74
CA LEU C 45 22.12 28.51 -7.79
C LEU C 45 23.07 29.47 -8.49
N LYS C 46 23.85 28.94 -9.48
CA LYS C 46 24.80 29.76 -10.24
C LYS C 46 24.03 30.66 -11.22
N ALA C 47 23.07 30.10 -12.00
CA ALA C 47 22.29 30.88 -12.99
C ALA C 47 21.50 32.01 -12.34
N LYS C 48 21.00 31.82 -11.11
CA LYS C 48 20.21 32.84 -10.42
C LYS C 48 21.06 33.75 -9.50
N GLY C 49 22.39 33.59 -9.56
CA GLY C 49 23.35 34.35 -8.75
C GLY C 49 23.04 34.32 -7.25
N ILE C 50 22.53 33.16 -6.76
CA ILE C 50 22.12 32.99 -5.35
C ILE C 50 23.35 32.74 -4.46
N ARG C 51 23.49 33.57 -3.41
CA ARG C 51 24.55 33.48 -2.38
C ARG C 51 24.30 32.20 -1.56
N HIS C 52 25.25 31.26 -1.62
CA HIS C 52 25.14 29.98 -0.92
C HIS C 52 26.49 29.43 -0.46
N GLU C 53 26.44 28.46 0.47
CA GLU C 53 27.58 27.70 0.95
C GLU C 53 27.37 26.21 0.57
N VAL C 54 28.45 25.52 0.22
CA VAL C 54 28.40 24.11 -0.19
C VAL C 54 29.00 23.23 0.90
N ILE C 55 28.28 22.15 1.24
CA ILE C 55 28.74 21.12 2.16
C ILE C 55 28.67 19.80 1.41
N ASN C 56 29.83 19.23 1.08
CA ASN C 56 29.89 17.97 0.34
C ASN C 56 29.76 16.79 1.32
N ILE C 57 29.01 15.77 0.91
CA ILE C 57 28.72 14.57 1.70
C ILE C 57 29.40 13.37 1.10
N ASN C 58 30.02 12.56 1.96
CA ASN C 58 30.62 11.31 1.56
C ASN C 58 29.47 10.32 1.43
N LEU C 59 28.93 10.18 0.21
CA LEU C 59 27.79 9.32 -0.09
C LEU C 59 28.09 7.84 0.22
N LYS C 60 29.38 7.45 0.22
CA LYS C 60 29.80 6.10 0.56
C LYS C 60 29.79 5.89 2.08
N ASN C 61 30.10 6.94 2.86
CA ASN C 61 30.20 6.87 4.32
C ASN C 61 29.54 8.12 4.96
N LYS C 62 28.22 8.21 4.84
CA LYS C 62 27.40 9.35 5.26
C LYS C 62 27.48 9.66 6.77
N PRO C 63 27.46 10.95 7.17
CA PRO C 63 27.42 11.27 8.61
C PRO C 63 26.07 10.88 9.20
N GLU C 64 26.06 10.46 10.47
CA GLU C 64 24.84 10.05 11.18
C GLU C 64 23.81 11.18 11.22
N TRP C 65 24.27 12.45 11.37
CA TRP C 65 23.43 13.64 11.43
C TRP C 65 22.80 14.01 10.09
N PHE C 66 23.31 13.44 8.97
CA PHE C 66 22.79 13.76 7.65
C PHE C 66 21.39 13.17 7.41
N PHE C 67 21.05 12.07 8.08
CA PHE C 67 19.75 11.44 7.87
C PHE C 67 18.59 12.28 8.44
N LYS C 68 18.89 13.30 9.28
CA LYS C 68 17.88 14.24 9.83
C LYS C 68 17.59 15.36 8.80
N LYS C 69 18.55 15.60 7.90
CA LYS C 69 18.45 16.58 6.82
C LYS C 69 17.55 16.02 5.74
N ASN C 70 17.68 14.72 5.46
CA ASN C 70 16.89 14.00 4.45
C ASN C 70 16.69 12.55 4.89
N PRO C 71 15.43 12.11 5.10
CA PRO C 71 15.18 10.71 5.52
C PRO C 71 15.71 9.70 4.49
N PHE C 72 15.73 10.10 3.19
CA PHE C 72 16.25 9.28 2.08
C PHE C 72 17.80 9.19 2.10
N GLY C 73 18.45 10.08 2.86
CA GLY C 73 19.90 10.14 2.97
C GLY C 73 20.60 10.47 1.67
N LEU C 74 19.94 11.26 0.80
CA LEU C 74 20.49 11.62 -0.51
C LEU C 74 20.72 13.12 -0.69
N VAL C 75 21.69 13.45 -1.54
CA VAL C 75 21.94 14.82 -1.98
C VAL C 75 21.21 14.98 -3.35
N PRO C 76 20.79 16.21 -3.74
CA PRO C 76 20.95 17.48 -3.02
C PRO C 76 19.88 17.68 -1.94
N VAL C 77 20.24 18.48 -0.93
CA VAL C 77 19.39 18.94 0.16
C VAL C 77 19.64 20.43 0.30
N LEU C 78 18.59 21.23 0.37
CA LEU C 78 18.72 22.65 0.66
C LEU C 78 18.30 22.89 2.09
N GLU C 79 18.97 23.84 2.77
CA GLU C 79 18.71 24.24 4.15
C GLU C 79 18.90 25.74 4.27
N ASN C 80 17.90 26.45 4.80
CA ASN C 80 17.95 27.90 4.92
C ASN C 80 17.99 28.32 6.41
N SER C 81 18.09 29.65 6.68
CA SER C 81 18.20 30.23 8.03
C SER C 81 17.01 29.90 8.95
N GLN C 82 15.86 29.54 8.38
CA GLN C 82 14.65 29.17 9.13
C GLN C 82 14.71 27.70 9.60
N GLY C 83 15.71 26.96 9.11
CA GLY C 83 15.87 25.55 9.42
C GLY C 83 15.07 24.65 8.49
N GLN C 84 14.42 25.24 7.46
CA GLN C 84 13.61 24.52 6.46
C GLN C 84 14.49 23.66 5.55
N LEU C 85 14.06 22.42 5.29
CA LEU C 85 14.78 21.44 4.48
C LEU C 85 13.96 21.03 3.25
N ILE C 86 14.59 21.10 2.09
CA ILE C 86 14.01 20.81 0.79
C ILE C 86 14.91 19.81 0.12
N TYR C 87 14.36 18.66 -0.27
CA TYR C 87 15.13 17.64 -0.97
C TYR C 87 14.33 17.18 -2.22
N GLU C 88 14.95 16.33 -3.05
CA GLU C 88 14.55 15.86 -4.41
C GLU C 88 15.06 16.93 -5.35
N SER C 89 16.09 16.61 -6.17
CA SER C 89 16.73 17.58 -7.08
C SER C 89 15.71 18.44 -7.89
N ALA C 90 14.65 17.82 -8.46
CA ALA C 90 13.64 18.59 -9.24
C ALA C 90 12.90 19.59 -8.34
N ILE C 91 12.59 19.18 -7.08
CA ILE C 91 11.88 20.04 -6.12
C ILE C 91 12.78 21.20 -5.72
N THR C 92 14.08 20.95 -5.46
CA THR C 92 15.02 22.00 -5.05
C THR C 92 15.15 23.06 -6.15
N CYS C 93 15.24 22.64 -7.43
CA CYS C 93 15.37 23.60 -8.55
C CYS C 93 14.13 24.48 -8.68
N GLU C 94 12.92 23.88 -8.58
CA GLU C 94 11.65 24.61 -8.67
C GLU C 94 11.54 25.62 -7.50
N TYR C 95 11.85 25.18 -6.26
CA TYR C 95 11.84 25.99 -5.04
C TYR C 95 12.76 27.21 -5.19
N LEU C 96 13.99 27.01 -5.71
CA LEU C 96 14.95 28.12 -5.87
C LEU C 96 14.45 29.15 -6.88
N ASP C 97 13.83 28.68 -7.99
CA ASP C 97 13.29 29.59 -9.00
C ASP C 97 12.18 30.46 -8.42
N GLU C 98 11.35 29.88 -7.54
CA GLU C 98 10.21 30.58 -6.93
C GLU C 98 10.62 31.44 -5.76
N ALA C 99 11.53 30.98 -4.90
CA ALA C 99 11.90 31.70 -3.66
C ALA C 99 12.96 32.80 -3.86
N TYR C 100 13.64 32.85 -5.01
CA TYR C 100 14.71 33.84 -5.20
C TYR C 100 14.48 34.79 -6.37
N PRO C 101 14.99 36.04 -6.27
CA PRO C 101 14.77 37.01 -7.37
C PRO C 101 15.67 36.77 -8.59
N GLY C 102 15.51 37.63 -9.59
CA GLY C 102 16.31 37.58 -10.81
C GLY C 102 15.62 36.89 -11.96
N LYS C 103 16.44 36.37 -12.90
CA LYS C 103 15.98 35.68 -14.10
C LYS C 103 15.22 34.41 -13.75
N LYS C 104 13.95 34.32 -14.20
CA LYS C 104 13.13 33.14 -14.00
C LYS C 104 13.56 32.10 -15.00
N LEU C 105 13.81 30.90 -14.50
CA LEU C 105 14.24 29.76 -15.31
C LEU C 105 13.03 28.99 -15.76
N LEU C 106 11.88 29.34 -15.21
CA LEU C 106 10.61 28.72 -15.53
C LEU C 106 9.69 29.68 -16.29
N PRO C 107 8.99 29.19 -17.34
CA PRO C 107 8.03 30.05 -18.04
C PRO C 107 6.82 30.34 -17.13
N ASP C 108 6.19 31.50 -17.29
CA ASP C 108 5.05 31.89 -16.44
C ASP C 108 3.76 31.13 -16.84
N ASP C 109 3.66 30.71 -18.11
CA ASP C 109 2.49 30.01 -18.64
C ASP C 109 2.35 28.58 -18.04
N PRO C 110 1.19 28.29 -17.39
CA PRO C 110 0.96 26.95 -16.79
C PRO C 110 1.18 25.76 -17.74
N TYR C 111 0.76 25.87 -19.02
CA TYR C 111 0.92 24.83 -20.05
C TYR C 111 2.39 24.59 -20.37
N GLU C 112 3.17 25.69 -20.51
CA GLU C 112 4.61 25.65 -20.77
CA GLU C 112 4.60 25.59 -20.80
C GLU C 112 5.34 25.02 -19.60
N LYS C 113 4.86 25.30 -18.35
CA LYS C 113 5.44 24.69 -17.15
C LYS C 113 5.21 23.18 -17.22
N ALA C 114 3.96 22.77 -17.57
CA ALA C 114 3.58 21.36 -17.71
C ALA C 114 4.41 20.67 -18.82
N CYS C 115 4.68 21.39 -19.96
CA CYS C 115 5.50 20.87 -21.06
C CYS C 115 6.90 20.49 -20.58
N GLN C 116 7.52 21.34 -19.75
CA GLN C 116 8.85 21.10 -19.16
C GLN C 116 8.86 19.84 -18.28
N LYS C 117 7.80 19.60 -17.52
CA LYS C 117 7.70 18.41 -16.66
C LYS C 117 7.47 17.16 -17.55
N MET C 118 6.71 17.28 -18.66
CA MET C 118 6.46 16.17 -19.60
C MET C 118 7.75 15.78 -20.33
N ILE C 119 8.59 16.77 -20.70
CA ILE C 119 9.88 16.52 -21.35
C ILE C 119 10.80 15.80 -20.34
N LEU C 120 10.77 16.21 -19.06
CA LEU C 120 11.54 15.57 -17.98
C LEU C 120 11.20 14.10 -17.86
N GLU C 121 9.90 13.75 -18.04
CA GLU C 121 9.46 12.37 -18.00
C GLU C 121 10.02 11.58 -19.18
N LEU C 122 10.16 12.20 -20.38
CA LEU C 122 10.72 11.53 -21.57
C LEU C 122 12.18 11.12 -21.35
N PHE C 123 12.91 11.86 -20.51
CA PHE C 123 14.30 11.64 -20.11
C PHE C 123 14.47 10.58 -19.01
N SER C 124 13.44 10.35 -18.17
CA SER C 124 13.42 9.53 -16.95
C SER C 124 14.23 8.21 -16.99
N LYS C 125 14.35 7.53 -18.15
CA LYS C 125 15.07 6.25 -18.27
C LYS C 125 16.59 6.43 -18.39
N VAL C 126 17.04 7.60 -18.90
CA VAL C 126 18.45 7.88 -19.21
C VAL C 126 19.39 7.68 -17.98
N PRO C 127 19.16 8.24 -16.75
CA PRO C 127 20.14 8.01 -15.67
C PRO C 127 20.30 6.52 -15.36
N SER C 128 19.20 5.75 -15.40
CA SER C 128 19.18 4.30 -15.17
C SER C 128 19.97 3.54 -16.24
N LEU C 129 19.96 4.01 -17.51
CA LEU C 129 20.71 3.36 -18.60
C LEU C 129 22.20 3.58 -18.42
N VAL C 130 22.59 4.74 -17.86
CA VAL C 130 23.98 5.08 -17.57
C VAL C 130 24.54 4.04 -16.56
N GLY C 131 23.77 3.75 -15.50
CA GLY C 131 24.12 2.77 -14.47
C GLY C 131 24.38 1.37 -14.98
N SER C 132 23.55 0.92 -15.94
CA SER C 132 23.70 -0.40 -16.56
C SER C 132 24.92 -0.41 -17.47
N PHE C 133 25.18 0.72 -18.16
CA PHE C 133 26.30 0.88 -19.09
C PHE C 133 27.66 0.94 -18.35
N ILE C 134 27.73 1.71 -17.24
CA ILE C 134 28.91 1.89 -16.39
C ILE C 134 29.38 0.50 -15.83
N ARG C 135 28.40 -0.43 -15.63
CA ARG C 135 28.60 -1.79 -15.13
C ARG C 135 28.34 -2.81 -16.26
N SER C 136 29.22 -2.84 -17.28
CA SER C 136 29.11 -3.77 -18.42
C SER C 136 30.13 -4.91 -18.30
N GLN C 137 29.70 -6.15 -18.57
CA GLN C 137 30.57 -7.33 -18.44
C GLN C 137 30.97 -7.88 -19.82
N ASN C 138 30.01 -7.90 -20.77
CA ASN C 138 30.21 -8.43 -22.12
C ASN C 138 29.92 -7.38 -23.20
N LYS C 139 30.38 -7.65 -24.44
CA LYS C 139 30.23 -6.78 -25.61
C LYS C 139 28.79 -6.82 -26.17
N GLU C 140 28.01 -7.88 -25.86
CA GLU C 140 26.63 -8.04 -26.32
C GLU C 140 25.70 -7.02 -25.63
N ASP C 141 25.76 -6.94 -24.27
CA ASP C 141 24.97 -6.01 -23.46
C ASP C 141 25.38 -4.55 -23.74
N TYR C 142 26.71 -4.32 -23.93
CA TYR C 142 27.36 -3.05 -24.19
C TYR C 142 26.78 -2.38 -25.45
N ALA C 143 26.67 -3.13 -26.56
CA ALA C 143 26.10 -2.64 -27.82
C ALA C 143 24.57 -2.52 -27.75
N GLY C 144 23.94 -3.38 -26.95
CA GLY C 144 22.49 -3.39 -26.75
C GLY C 144 21.98 -2.18 -25.98
N LEU C 145 22.77 -1.72 -24.98
CA LEU C 145 22.46 -0.56 -24.15
C LEU C 145 22.65 0.72 -24.96
N LYS C 146 23.65 0.73 -25.86
CA LYS C 146 23.92 1.83 -26.77
C LYS C 146 22.71 2.05 -27.70
N GLU C 147 21.99 0.96 -28.06
CA GLU C 147 20.76 1.01 -28.86
C GLU C 147 19.62 1.59 -28.02
N GLU C 148 19.62 1.33 -26.69
CA GLU C 148 18.61 1.84 -25.77
C GLU C 148 18.78 3.36 -25.59
N PHE C 149 20.04 3.84 -25.53
CA PHE C 149 20.36 5.28 -25.45
C PHE C 149 19.85 5.98 -26.71
N ARG C 150 20.06 5.38 -27.90
CA ARG C 150 19.62 5.92 -29.18
C ARG C 150 18.09 6.12 -29.22
N LYS C 151 17.34 5.12 -28.72
CA LYS C 151 15.87 5.14 -28.67
C LYS C 151 15.37 6.30 -27.78
N GLU C 152 15.96 6.50 -26.59
CA GLU C 152 15.61 7.58 -25.66
C GLU C 152 16.01 8.94 -26.23
N PHE C 153 17.17 9.02 -26.90
CA PHE C 153 17.63 10.27 -27.48
C PHE C 153 16.74 10.70 -28.68
N THR C 154 16.13 9.76 -29.45
CA THR C 154 15.21 10.13 -30.55
C THR C 154 13.96 10.81 -30.00
N LYS C 155 13.48 10.34 -28.82
CA LYS C 155 12.32 10.91 -28.10
C LYS C 155 12.54 12.40 -27.85
N LEU C 156 13.76 12.76 -27.41
CA LEU C 156 14.14 14.15 -27.15
C LEU C 156 14.34 14.91 -28.45
N GLU C 157 14.89 14.24 -29.49
CA GLU C 157 15.09 14.83 -30.80
C GLU C 157 13.74 15.31 -31.39
N GLU C 158 12.67 14.48 -31.24
CA GLU C 158 11.29 14.78 -31.70
C GLU C 158 10.77 16.09 -31.11
N VAL C 159 11.07 16.34 -29.83
CA VAL C 159 10.66 17.54 -29.08
C VAL C 159 11.29 18.77 -29.72
N LEU C 160 12.62 18.77 -29.91
CA LEU C 160 13.31 19.91 -30.53
C LEU C 160 12.83 20.11 -31.98
N THR C 161 12.49 19.03 -32.69
CA THR C 161 11.99 19.06 -34.07
C THR C 161 10.61 19.77 -34.09
N ASN C 162 9.70 19.41 -33.14
CA ASN C 162 8.37 20.01 -33.02
C ASN C 162 8.44 21.46 -32.53
N LYS C 163 9.29 21.75 -31.53
CA LYS C 163 9.46 23.10 -30.96
C LYS C 163 10.11 24.06 -31.94
N LYS C 164 11.03 23.55 -32.81
CA LYS C 164 11.81 24.29 -33.82
C LYS C 164 12.71 25.35 -33.15
N THR C 165 13.10 25.11 -31.89
CA THR C 165 13.94 26.00 -31.09
C THR C 165 15.23 25.27 -30.73
N THR C 166 16.27 26.03 -30.35
CA THR C 166 17.57 25.47 -29.98
C THR C 166 17.46 24.72 -28.64
N PHE C 167 16.69 25.27 -27.69
CA PHE C 167 16.56 24.68 -26.36
C PHE C 167 15.19 24.03 -26.17
N PHE C 168 15.08 23.18 -25.16
CA PHE C 168 13.88 22.41 -24.85
C PHE C 168 12.73 23.27 -24.33
N GLY C 169 13.00 24.52 -23.98
CA GLY C 169 11.98 25.45 -23.51
C GLY C 169 11.94 26.76 -24.26
N GLY C 170 12.39 26.75 -25.52
CA GLY C 170 12.41 27.97 -26.33
C GLY C 170 13.78 28.30 -26.91
N ASN C 171 13.94 29.55 -27.38
CA ASN C 171 15.18 30.01 -28.01
C ASN C 171 16.26 30.44 -27.02
N SER C 172 15.93 30.40 -25.74
CA SER C 172 16.84 30.74 -24.65
C SER C 172 16.81 29.58 -23.65
N ILE C 173 17.93 29.38 -22.94
CA ILE C 173 18.11 28.33 -21.95
C ILE C 173 17.10 28.52 -20.79
N SER C 174 16.50 27.42 -20.31
CA SER C 174 15.55 27.48 -19.21
C SER C 174 15.77 26.26 -18.32
N MET C 175 14.95 26.09 -17.27
CA MET C 175 15.06 25.04 -16.26
C MET C 175 15.29 23.65 -16.83
N ILE C 176 14.43 23.22 -17.77
CA ILE C 176 14.48 21.88 -18.37
C ILE C 176 15.88 21.56 -18.95
N ASP C 177 16.54 22.55 -19.55
CA ASP C 177 17.87 22.35 -20.11
C ASP C 177 18.86 22.02 -19.00
N TYR C 178 18.74 22.70 -17.84
CA TYR C 178 19.65 22.49 -16.70
C TYR C 178 19.37 21.18 -16.01
N LEU C 179 18.10 20.71 -16.03
CA LEU C 179 17.68 19.45 -15.42
C LEU C 179 18.24 18.21 -16.12
N ILE C 180 18.34 18.23 -17.44
CA ILE C 180 18.81 17.03 -18.16
C ILE C 180 20.29 17.11 -18.56
N TRP C 181 20.90 18.33 -18.57
CA TRP C 181 22.30 18.55 -18.97
C TRP C 181 23.36 17.66 -18.26
N PRO C 182 23.35 17.45 -16.91
CA PRO C 182 24.44 16.67 -16.30
C PRO C 182 24.69 15.28 -16.90
N TRP C 183 23.70 14.65 -17.54
CA TRP C 183 23.94 13.33 -18.10
C TRP C 183 24.60 13.43 -19.48
N PHE C 184 24.22 14.47 -20.27
CA PHE C 184 24.80 14.72 -21.61
C PHE C 184 26.25 15.23 -21.48
N GLU C 185 26.59 15.88 -20.36
CA GLU C 185 27.93 16.40 -20.07
C GLU C 185 28.97 15.25 -19.93
N ARG C 186 28.52 14.12 -19.40
CA ARG C 186 29.35 12.96 -19.10
C ARG C 186 29.45 11.91 -20.25
N LEU C 187 28.67 12.08 -21.34
CA LEU C 187 28.63 11.14 -22.47
C LEU C 187 30.00 10.86 -23.12
N GLU C 188 30.75 11.92 -23.53
CA GLU C 188 32.06 11.73 -24.18
C GLU C 188 33.02 10.99 -23.26
N ALA C 189 33.06 11.40 -21.98
CA ALA C 189 33.86 10.82 -20.89
C ALA C 189 33.60 9.31 -20.74
N MET C 190 32.34 8.88 -21.00
CA MET C 190 31.90 7.49 -20.88
C MET C 190 31.93 6.75 -22.23
N LYS C 191 32.43 7.42 -23.30
CA LYS C 191 32.55 6.91 -24.68
C LYS C 191 31.16 6.53 -25.26
N LEU C 192 30.15 7.38 -24.97
CA LEU C 192 28.77 7.21 -25.42
C LEU C 192 28.38 8.28 -26.45
N ASN C 193 29.32 9.19 -26.76
CA ASN C 193 29.18 10.30 -27.71
C ASN C 193 28.49 9.91 -29.04
N GLU C 194 28.70 8.66 -29.53
CA GLU C 194 28.11 8.17 -30.78
C GLU C 194 26.58 7.94 -30.69
N CYS C 195 26.01 7.85 -29.48
CA CYS C 195 24.58 7.63 -29.30
C CYS C 195 23.72 8.84 -29.71
N VAL C 196 24.36 9.98 -30.05
CA VAL C 196 23.63 11.18 -30.47
C VAL C 196 23.97 11.52 -31.93
N ASP C 197 24.75 10.68 -32.62
CA ASP C 197 25.17 10.98 -33.99
C ASP C 197 24.01 10.82 -35.00
N HIS C 198 22.85 10.33 -34.55
CA HIS C 198 21.65 10.19 -35.39
C HIS C 198 20.61 11.26 -34.98
N THR C 199 20.94 12.07 -33.96
CA THR C 199 20.08 13.13 -33.45
C THR C 199 20.82 14.49 -33.63
N PRO C 200 20.73 15.11 -34.84
CA PRO C 200 21.47 16.36 -35.10
C PRO C 200 21.04 17.58 -34.28
N LYS C 201 19.74 17.77 -34.01
CA LYS C 201 19.27 18.92 -33.22
C LYS C 201 19.75 18.83 -31.76
N LEU C 202 19.74 17.62 -31.20
CA LEU C 202 20.24 17.30 -29.87
C LEU C 202 21.77 17.55 -29.78
N LYS C 203 22.50 17.24 -30.85
CA LYS C 203 23.93 17.49 -30.98
C LYS C 203 24.21 19.00 -30.95
N LEU C 204 23.37 19.80 -31.64
CA LEU C 204 23.49 21.28 -31.67
C LEU C 204 23.14 21.85 -30.29
N TRP C 205 22.14 21.27 -29.62
CA TRP C 205 21.73 21.65 -28.26
C TRP C 205 22.91 21.49 -27.29
N MET C 206 23.60 20.34 -27.37
CA MET C 206 24.76 19.99 -26.55
C MET C 206 25.87 21.03 -26.66
N ALA C 207 26.22 21.42 -27.91
CA ALA C 207 27.23 22.43 -28.21
C ALA C 207 26.78 23.82 -27.71
N ALA C 208 25.47 24.12 -27.82
CA ALA C 208 24.90 25.39 -27.34
C ALA C 208 24.99 25.47 -25.80
N MET C 209 24.71 24.33 -25.10
CA MET C 209 24.81 24.24 -23.63
C MET C 209 26.26 24.51 -23.17
N LYS C 210 27.25 23.89 -23.83
CA LYS C 210 28.69 24.04 -23.54
C LYS C 210 29.17 25.51 -23.66
N GLU C 211 28.42 26.36 -24.40
CA GLU C 211 28.73 27.78 -24.57
C GLU C 211 28.13 28.64 -23.46
N ASP C 212 27.01 28.18 -22.82
CA ASP C 212 26.33 28.89 -21.72
C ASP C 212 27.32 29.12 -20.56
N PRO C 213 27.47 30.36 -20.04
CA PRO C 213 28.43 30.61 -18.94
C PRO C 213 28.20 29.75 -17.69
N THR C 214 26.93 29.61 -17.22
CA THR C 214 26.59 28.81 -16.04
C THR C 214 27.03 27.35 -16.22
N VAL C 215 26.72 26.74 -17.38
CA VAL C 215 27.09 25.35 -17.70
C VAL C 215 28.63 25.20 -17.72
N SER C 216 29.33 26.15 -18.38
CA SER C 216 30.77 26.19 -18.57
C SER C 216 31.54 26.20 -17.24
N ALA C 217 31.17 27.13 -16.32
CA ALA C 217 31.81 27.31 -15.01
C ALA C 217 31.69 26.06 -14.11
N LEU C 218 30.69 25.21 -14.33
CA LEU C 218 30.45 24.00 -13.54
C LEU C 218 30.85 22.70 -14.27
N LEU C 219 31.52 22.81 -15.45
CA LEU C 219 31.94 21.62 -16.19
C LEU C 219 32.99 20.81 -15.46
N THR C 220 32.79 19.48 -15.39
CA THR C 220 33.72 18.51 -14.83
C THR C 220 34.47 17.93 -16.04
N SER C 221 35.82 17.96 -15.99
CA SER C 221 36.66 17.44 -17.06
C SER C 221 36.47 15.91 -17.20
N GLU C 222 36.80 15.37 -18.40
CA GLU C 222 36.67 13.95 -18.72
C GLU C 222 37.45 13.06 -17.77
N LYS C 223 38.70 13.46 -17.43
CA LYS C 223 39.62 12.77 -16.53
C LYS C 223 39.05 12.68 -15.11
N ASP C 224 38.51 13.80 -14.60
CA ASP C 224 37.90 13.89 -13.27
C ASP C 224 36.70 12.95 -13.15
N TRP C 225 35.85 12.87 -14.20
CA TRP C 225 34.69 11.97 -14.19
C TRP C 225 35.16 10.50 -14.20
N GLN C 226 36.08 10.16 -15.12
CA GLN C 226 36.66 8.81 -15.25
C GLN C 226 37.35 8.36 -13.95
N GLY C 227 38.07 9.30 -13.31
CA GLY C 227 38.81 9.11 -12.06
C GLY C 227 37.92 8.89 -10.86
N PHE C 228 36.76 9.57 -10.80
CA PHE C 228 35.78 9.40 -9.74
C PHE C 228 35.06 8.05 -9.93
N LEU C 229 34.75 7.72 -11.19
CA LEU C 229 34.05 6.51 -11.64
C LEU C 229 34.78 5.25 -11.31
N GLU C 230 36.12 5.24 -11.47
CA GLU C 230 36.94 4.07 -11.17
C GLU C 230 36.75 3.69 -9.68
N LEU C 231 36.68 4.71 -8.79
CA LEU C 231 36.51 4.55 -7.34
C LEU C 231 35.06 4.28 -6.96
N TYR C 232 34.10 4.89 -7.67
CA TYR C 232 32.65 4.73 -7.42
C TYR C 232 32.25 3.26 -7.61
N LEU C 233 32.77 2.62 -8.66
CA LEU C 233 32.53 1.22 -9.01
C LEU C 233 33.18 0.27 -7.97
N GLN C 234 34.24 0.74 -7.27
CA GLN C 234 34.95 -0.02 -6.22
C GLN C 234 34.33 0.20 -4.84
N ASN C 235 33.29 1.07 -4.74
CA ASN C 235 32.60 1.48 -3.51
C ASN C 235 33.61 2.10 -2.52
N SER C 236 34.65 2.77 -3.05
CA SER C 236 35.73 3.40 -2.29
C SER C 236 35.22 4.59 -1.46
N PRO C 237 35.70 4.72 -0.19
CA PRO C 237 35.27 5.87 0.63
C PRO C 237 35.93 7.19 0.21
N GLU C 238 36.80 7.13 -0.81
CA GLU C 238 37.55 8.27 -1.33
C GLU C 238 37.00 8.78 -2.67
N ALA C 239 36.03 8.06 -3.27
CA ALA C 239 35.38 8.39 -4.55
C ALA C 239 34.88 9.86 -4.60
N CYS C 240 34.13 10.27 -3.58
CA CYS C 240 33.52 11.61 -3.47
C CYS C 240 34.58 12.73 -3.35
N ASP C 241 35.79 12.40 -2.83
CA ASP C 241 36.88 13.36 -2.65
C ASP C 241 38.00 13.25 -3.71
N TYR C 242 37.74 12.58 -4.84
CA TYR C 242 38.75 12.44 -5.90
C TYR C 242 39.13 13.83 -6.44
N GLY C 243 40.44 14.09 -6.48
CA GLY C 243 41.00 15.36 -6.94
C GLY C 243 40.85 16.49 -5.93
N LEU C 244 40.68 16.14 -4.64
CA LEU C 244 40.55 16.99 -3.44
C LEU C 244 39.28 17.88 -3.45
CL2 4G9 D . -11.60 -36.07 22.01
C10 4G9 D . -12.18 -34.87 23.11
C3 4G9 D . -13.50 -34.39 23.06
S 4G9 D . -14.67 -35.01 21.87
O1 4G9 D . -13.97 -35.60 20.78
O2 4G9 D . -15.64 -33.99 21.61
N1 4G9 D . -15.42 -36.21 22.66
C2 4G9 D . -14.63 -37.39 22.99
C1 4G9 D . -16.37 -35.83 23.72
C9 4G9 D . -11.31 -34.38 24.07
C8 4G9 D . -11.72 -33.42 24.98
C5 4G9 D . -13.02 -32.93 24.93
C4 4G9 D . -13.90 -33.43 23.97
N2 4G9 D . -13.38 -31.88 25.80
C6 4G9 D . -14.59 -31.68 26.38
O3 4G9 D . -15.46 -32.54 26.48
C7 4G9 D . -14.83 -30.26 26.88
H4 4G9 D . -13.91 -37.66 22.22
H5 4G9 D . -15.24 -38.28 23.16
H6 4G9 D . -14.04 -37.22 23.89
H1 4G9 D . -17.14 -35.14 23.38
H3 4G9 D . -16.89 -36.70 24.10
H2 4G9 D . -15.89 -35.36 24.58
H12 4G9 D . -10.29 -34.77 24.11
H11 4G9 D . -11.01 -33.06 25.72
H7 4G9 D . -14.93 -33.06 23.93
H8 4G9 D . -12.61 -31.27 26.02
O1 MES E . -26.55 -33.70 28.44
C2 MES E . -26.47 -33.27 27.08
C3 MES E . -25.07 -32.80 26.75
N4 MES E . -24.64 -31.71 27.67
C5 MES E . -24.79 -32.15 29.09
C6 MES E . -26.20 -32.63 29.34
C7 MES E . -23.27 -31.19 27.37
C8 MES E . -23.40 -29.85 26.63
S MES E . -21.91 -29.26 25.87
O1S MES E . -20.87 -30.24 26.17
O2S MES E . -22.19 -29.17 24.45
O3S MES E . -21.64 -27.96 26.46
CL2 4G9 F . -4.95 -2.06 -8.72
C10 4G9 F . -5.06 -0.84 -9.96
C3 4G9 F . -4.17 0.23 -10.02
S 4G9 F . -2.85 0.56 -8.87
O1 4G9 F . -2.97 -0.28 -7.72
O2 4G9 F . -2.73 1.97 -8.71
N1 4G9 F . -1.55 0.07 -9.70
C2 4G9 F . -0.29 0.81 -9.59
C1 4G9 F . -1.38 -1.38 -9.94
C9 4G9 F . -6.03 -1.00 -10.94
C8 4G9 F . -6.11 -0.11 -12.00
C5 4G9 F . -5.21 0.95 -12.09
C4 4G9 F . -4.24 1.10 -11.10
N2 4G9 F . -5.28 1.86 -13.16
C6 4G9 F . -5.05 3.20 -13.13
O3 4G9 F . -4.67 3.82 -12.13
C7 4G9 F . -5.29 3.94 -14.43
H4 4G9 F . -0.42 1.84 -9.26
H5 4G9 F . 0.26 0.86 -10.53
H6 4G9 F . 0.37 0.34 -8.86
H1 4G9 F . -2.28 -1.86 -10.29
H3 4G9 F . -0.62 -1.56 -10.69
H2 4G9 F . -1.08 -1.91 -9.03
H12 4G9 F . -6.73 -1.83 -10.87
H11 4G9 F . -6.88 -0.25 -12.76
H7 4G9 F . -3.47 1.87 -11.19
H8 4G9 F . -5.54 1.41 -14.03
O1 MES G . 6.73 7.28 -16.35
C2 MES G . 6.13 6.50 -15.31
C3 MES G . 4.98 7.22 -14.65
N4 MES G . 4.09 7.81 -15.69
C5 MES G . 4.38 7.19 -17.02
C6 MES G . 5.81 7.50 -17.43
C7 MES G . 2.63 7.65 -15.35
C8 MES G . 2.10 8.80 -14.48
S MES G . 0.46 8.50 -13.85
O1S MES G . -0.44 9.25 -14.72
O2S MES G . 0.24 7.07 -13.92
O3S MES G . 0.46 9.00 -12.49
CL2 4G9 H . 26.81 7.15 -12.87
C10 4G9 H . 26.24 7.98 -11.46
C3 4G9 H . 24.92 8.43 -11.33
S 4G9 H . 23.76 8.36 -12.68
O1 4G9 H . 24.49 8.31 -13.90
O2 4G9 H . 22.80 9.39 -12.48
N1 4G9 H . 22.97 6.94 -12.55
C2 4G9 H . 23.78 5.72 -12.64
C1 4G9 H . 21.87 6.86 -11.58
C9 4G9 H . 27.14 8.17 -10.41
C8 4G9 H . 26.74 8.78 -9.23
C5 4G9 H . 25.43 9.21 -9.09
C4 4G9 H . 24.52 9.00 -10.12
N2 4G9 H . 25.09 9.96 -7.93
C6 4G9 H . 24.35 11.08 -7.87
O3 4G9 H . 23.75 11.57 -8.83
C7 4G9 H . 24.32 11.79 -6.53
H4 4G9 H . 24.34 5.67 -13.56
H5 4G9 H . 23.18 4.81 -12.58
H6 4G9 H . 24.50 5.66 -11.83
H1 4G9 H . 21.08 7.59 -11.78
H3 4G9 H . 21.37 5.89 -11.64
H2 4G9 H . 22.19 7.00 -10.56
H12 4G9 H . 28.16 7.82 -10.52
H11 4G9 H . 27.46 8.92 -8.44
H7 4G9 H . 23.47 9.25 -9.98
H8 4G9 H . 25.47 9.56 -7.08
O1 MES I . 12.55 8.23 -4.76
C2 MES I . 12.42 9.08 -5.90
C3 MES I . 13.76 9.67 -6.30
N4 MES I . 14.34 10.43 -5.14
C5 MES I . 14.41 9.57 -3.92
C6 MES I . 13.05 8.97 -3.64
C7 MES I . 15.69 11.03 -5.47
C8 MES I . 15.54 12.27 -6.33
S MES I . 17.09 13.02 -6.75
O1S MES I . 16.91 13.61 -8.07
O2S MES I . 18.08 11.95 -6.76
O3S MES I . 17.37 14.02 -5.73
#